data_4CX1
#
_entry.id   4CX1
#
_cell.length_a   57.725
_cell.length_b   106.199
_cell.length_c   156.052
_cell.angle_alpha   90.00
_cell.angle_beta   90.00
_cell.angle_gamma   90.00
#
_symmetry.space_group_name_H-M   'P 21 21 21'
#
loop_
_entity.id
_entity.type
_entity.pdbx_description
1 polymer 'NITRIC OXIDE SYNTHASE, ENDOTHELIAL'
2 non-polymer 'PROTOPORPHYRIN IX CONTAINING FE'
3 non-polymer 2-AMINO-6-(1,2-DIHYDROXY-PROPYL)-7,8-DIHYDRO-6H-PTERIDIN-4-ONE
4 non-polymer 4-methyl-6-{[(3R,4R)-4-{[5-(4-methylpyridin-2-yl)pentyl]oxy}pyrrolidin-3-yl]methyl}pyridin-2-amine
5 non-polymer 'ACETATE ION'
6 non-polymer 'ZINC ION'
7 water water
#
_entity_poly.entity_id   1
_entity_poly.type   'polypeptide(L)'
_entity_poly.pdbx_seq_one_letter_code
;RAPAPATPHAPDHSPAPNSPTLTRPPEGPKFPRVKNWELGSITYDTLCAQSQQDGPCTPRRCLGSLVLPRKAQTRPSPGP
PPAEQLLSQARDFINQYYSSIKRSGSQAHEERLQEVEAEVASTGTYHLRESELVFGAKQAWRNAPRCVGRIQWGKLQVFD
ARDCSSAQEMFTYICNHIKYATNRGNLRSAITVFPQRAPGRGDFRIWNSQLVRYAGYRQQDGSVRGDPANVEITELCIQH
GWTPGNGRFDVLPLLLQAPDEAPELFVLPPELVLEVPLEHPTLEWFAALGLRWYALPAVSNMLLEIGGLEFSAAPFSGWY
MSTEIGTRNLCDPHRYNILEDVAV(CAS)MDLDTRTTSSLWKDKAAVEINLAVLHSFQLAKVTIVDHHAATVSFMKHLDN
EQKARGGCPADWAWIVPPISGSLTPVFHQEMVNYILSPAFRYQPDPW
;
_entity_poly.pdbx_strand_id   A,B
#
loop_
_chem_comp.id
_chem_comp.type
_chem_comp.name
_chem_comp.formula
ACT non-polymer 'ACETATE ION' 'C2 H3 O2 -1'
H2B non-polymer 2-AMINO-6-(1,2-DIHYDROXY-PROPYL)-7,8-DIHYDRO-6H-PTERIDIN-4-ONE 'C9 H13 N5 O3'
HEM non-polymer 'PROTOPORPHYRIN IX CONTAINING FE' 'C34 H32 Fe N4 O4'
HW9 non-polymer 4-methyl-6-{[(3R,4R)-4-{[5-(4-methylpyridin-2-yl)pentyl]oxy}pyrrolidin-3-yl]methyl}pyridin-2-amine 'C22 H32 N4 O'
ZN non-polymer 'ZINC ION' 'Zn 2'
#
# COMPACT_ATOMS: atom_id res chain seq x y z
N GLY A 28 -16.39 -3.71 -21.87
CA GLY A 28 -16.22 -2.83 -20.67
C GLY A 28 -16.32 -1.35 -21.01
N PRO A 29 -16.76 -0.52 -20.04
CA PRO A 29 -16.77 0.95 -20.19
C PRO A 29 -15.39 1.65 -20.05
N LYS A 30 -15.28 2.89 -20.56
CA LYS A 30 -14.02 3.70 -20.51
C LYS A 30 -13.88 4.48 -19.19
N PHE A 31 -14.18 3.76 -18.11
CA PHE A 31 -13.95 4.22 -16.78
C PHE A 31 -13.13 3.10 -16.19
N PRO A 32 -12.29 3.40 -15.20
CA PRO A 32 -11.41 2.35 -14.72
C PRO A 32 -12.20 1.15 -14.16
N ARG A 33 -11.73 -0.05 -14.45
CA ARG A 33 -12.28 -1.28 -13.90
C ARG A 33 -11.55 -1.58 -12.58
N VAL A 34 -12.31 -1.89 -11.54
CA VAL A 34 -11.81 -2.10 -10.21
C VAL A 34 -12.17 -3.53 -9.79
N LYS A 35 -11.17 -4.29 -9.37
CA LYS A 35 -11.40 -5.69 -9.02
C LYS A 35 -11.12 -6.00 -7.57
N ASN A 36 -11.94 -6.88 -7.02
CA ASN A 36 -11.65 -7.45 -5.71
C ASN A 36 -11.15 -8.85 -5.97
N TRP A 37 -9.89 -9.07 -5.59
CA TRP A 37 -9.20 -10.32 -5.87
C TRP A 37 -9.54 -11.44 -4.90
N GLU A 38 -10.08 -11.11 -3.72
CA GLU A 38 -10.58 -12.14 -2.81
C GLU A 38 -11.88 -12.78 -3.35
N LEU A 39 -12.85 -11.92 -3.69
CA LEU A 39 -14.17 -12.38 -4.09
C LEU A 39 -14.31 -12.60 -5.58
N GLY A 40 -13.45 -11.96 -6.37
CA GLY A 40 -13.50 -12.09 -7.81
C GLY A 40 -14.47 -11.14 -8.47
N SER A 41 -15.02 -10.20 -7.71
CA SER A 41 -16.01 -9.24 -8.19
C SER A 41 -15.41 -7.96 -8.83
N ILE A 42 -16.13 -7.38 -9.77
CA ILE A 42 -15.66 -6.30 -10.64
C ILE A 42 -16.60 -5.08 -10.50
N THR A 43 -16.05 -3.87 -10.40
CA THR A 43 -16.87 -2.66 -10.60
C THR A 43 -16.17 -1.68 -11.52
N TYR A 44 -16.87 -0.65 -11.92
CA TYR A 44 -16.30 0.41 -12.76
C TYR A 44 -16.53 1.72 -12.06
N ASP A 45 -15.48 2.51 -11.92
CA ASP A 45 -15.65 3.75 -11.19
C ASP A 45 -15.98 4.84 -12.20
N THR A 46 -17.20 5.37 -12.12
CA THR A 46 -17.65 6.48 -12.94
C THR A 46 -17.58 7.80 -12.19
N LEU A 47 -17.55 7.73 -10.86
CA LEU A 47 -17.50 8.93 -10.06
C LEU A 47 -16.24 9.78 -10.35
N CYS A 48 -15.15 9.11 -10.71
CA CYS A 48 -13.89 9.81 -10.96
C CYS A 48 -13.99 10.90 -12.03
N ALA A 49 -14.98 10.79 -12.94
CA ALA A 49 -15.23 11.80 -13.96
C ALA A 49 -15.60 13.16 -13.39
N GLN A 50 -16.07 13.17 -12.13
CA GLN A 50 -16.47 14.37 -11.43
C GLN A 50 -15.28 15.12 -10.83
N SER A 51 -14.08 14.55 -10.94
CA SER A 51 -12.87 15.16 -10.40
C SER A 51 -12.51 16.42 -11.18
N GLN A 52 -12.28 17.51 -10.47
CA GLN A 52 -11.92 18.79 -11.09
C GLN A 52 -10.49 19.14 -10.76
N GLN A 53 -9.86 18.32 -9.92
CA GLN A 53 -8.54 18.61 -9.41
C GLN A 53 -7.54 17.47 -9.62
N ASP A 54 -6.39 17.83 -10.18
CA ASP A 54 -5.30 16.90 -10.49
C ASP A 54 -4.57 16.46 -9.27
N GLY A 55 -4.25 15.16 -9.23
CA GLY A 55 -3.35 14.63 -8.20
C GLY A 55 -1.93 14.66 -8.76
N PRO A 56 -1.02 13.88 -8.14
CA PRO A 56 0.40 13.91 -8.45
C PRO A 56 0.88 12.92 -9.54
N CYS A 57 0.02 12.03 -10.04
CA CYS A 57 0.47 11.00 -11.02
C CYS A 57 0.38 11.48 -12.43
N THR A 58 1.13 10.83 -13.30
CA THR A 58 1.06 11.06 -14.75
C THR A 58 1.20 9.69 -15.41
N PRO A 59 0.99 9.60 -16.74
CA PRO A 59 1.16 8.30 -17.41
C PRO A 59 2.59 7.76 -17.30
N ARG A 60 3.57 8.66 -17.25
CA ARG A 60 4.99 8.29 -17.06
C ARG A 60 5.30 7.67 -15.68
N ARG A 61 4.72 8.22 -14.61
CA ARG A 61 5.03 7.74 -13.28
C ARG A 61 3.99 8.01 -12.22
N CYS A 62 3.77 6.99 -11.40
CA CYS A 62 2.84 7.01 -10.32
C CYS A 62 3.53 7.56 -9.04
N LEU A 63 2.82 8.44 -8.37
CA LEU A 63 3.34 9.14 -7.18
C LEU A 63 2.32 8.98 -6.04
N GLY A 64 1.51 7.92 -6.12
CA GLY A 64 0.47 7.66 -5.12
C GLY A 64 0.95 7.41 -3.71
N SER A 65 2.22 7.03 -3.56
CA SER A 65 2.76 6.82 -2.22
C SER A 65 3.25 8.09 -1.51
N LEU A 66 3.27 9.23 -2.20
CA LEU A 66 3.70 10.48 -1.56
C LEU A 66 2.73 10.93 -0.49
N VAL A 67 3.26 11.31 0.66
CA VAL A 67 2.42 11.78 1.76
C VAL A 67 1.85 13.18 1.45
N LEU A 68 2.69 14.05 0.94
CA LEU A 68 2.25 15.39 0.54
C LEU A 68 2.33 15.52 -0.98
N PRO A 69 1.18 15.39 -1.67
CA PRO A 69 1.31 15.78 -3.09
C PRO A 69 1.14 17.31 -3.26
N ARG A 70 2.23 18.07 -3.03
CA ARG A 70 2.18 19.55 -3.08
C ARG A 70 1.66 20.08 -4.40
N PRO A 82 -10.17 34.81 -6.66
CA PRO A 82 -10.30 33.85 -7.78
C PRO A 82 -11.30 34.30 -8.87
N ALA A 83 -12.29 35.10 -8.49
CA ALA A 83 -13.29 35.69 -9.39
C ALA A 83 -14.24 34.69 -10.06
N GLU A 84 -13.91 34.31 -11.30
CA GLU A 84 -14.75 33.40 -12.07
C GLU A 84 -14.42 31.94 -11.75
N GLN A 85 -13.19 31.73 -11.29
CA GLN A 85 -12.79 30.48 -10.70
C GLN A 85 -13.68 30.17 -9.47
N LEU A 86 -13.94 31.19 -8.66
CA LEU A 86 -14.79 31.05 -7.46
C LEU A 86 -16.22 30.69 -7.83
N LEU A 87 -16.77 31.40 -8.81
CA LEU A 87 -18.15 31.22 -9.21
C LEU A 87 -18.43 29.78 -9.70
N SER A 88 -17.54 29.24 -10.53
CA SER A 88 -17.77 27.91 -11.08
C SER A 88 -17.68 26.84 -10.00
N GLN A 89 -16.79 27.03 -9.03
CA GLN A 89 -16.73 26.15 -7.87
C GLN A 89 -17.97 26.29 -7.02
N ALA A 90 -18.43 27.52 -6.87
CA ALA A 90 -19.64 27.83 -6.12
C ALA A 90 -20.86 27.17 -6.77
N ARG A 91 -21.02 27.40 -8.08
CA ARG A 91 -22.13 26.83 -8.85
C ARG A 91 -22.14 25.31 -8.76
N ASP A 92 -20.97 24.69 -8.96
CA ASP A 92 -20.85 23.24 -8.84
C ASP A 92 -21.32 22.76 -7.48
N PHE A 93 -20.86 23.43 -6.43
CA PHE A 93 -21.26 23.04 -5.08
C PHE A 93 -22.77 23.28 -4.86
N ILE A 94 -23.30 24.41 -5.29
CA ILE A 94 -24.74 24.67 -5.16
C ILE A 94 -25.58 23.58 -5.86
N ASN A 95 -25.15 23.17 -7.06
CA ASN A 95 -25.78 22.05 -7.79
C ASN A 95 -25.71 20.73 -7.02
N GLN A 96 -24.56 20.46 -6.40
CA GLN A 96 -24.40 19.27 -5.56
C GLN A 96 -25.37 19.28 -4.37
N TYR A 97 -25.56 20.45 -3.77
CA TYR A 97 -26.47 20.59 -2.66
C TYR A 97 -27.90 20.34 -3.15
N TYR A 98 -28.25 20.93 -4.27
CA TYR A 98 -29.64 20.77 -4.74
C TYR A 98 -29.97 19.36 -5.19
N SER A 99 -28.99 18.68 -5.78
CA SER A 99 -29.09 17.25 -6.08
C SER A 99 -29.34 16.41 -4.85
N SER A 100 -28.67 16.73 -3.76
CA SER A 100 -28.74 15.91 -2.54
C SER A 100 -30.07 16.08 -1.83
N ILE A 101 -30.76 17.18 -2.10
CA ILE A 101 -32.07 17.39 -1.53
C ILE A 101 -33.14 17.15 -2.61
N LYS A 102 -32.69 16.74 -3.80
CA LYS A 102 -33.57 16.40 -4.94
C LYS A 102 -34.44 17.58 -5.44
N ARG A 103 -33.84 18.78 -5.49
CA ARG A 103 -34.51 19.98 -5.99
C ARG A 103 -33.72 20.57 -7.15
N SER A 104 -33.05 19.68 -7.88
CA SER A 104 -32.19 20.08 -8.96
C SER A 104 -33.00 20.57 -10.17
N GLY A 105 -32.73 21.79 -10.61
CA GLY A 105 -33.48 22.43 -11.69
C GLY A 105 -34.62 23.27 -11.17
N SER A 106 -34.98 23.07 -9.90
CA SER A 106 -36.09 23.76 -9.25
C SER A 106 -35.91 25.27 -9.21
N GLN A 107 -37.00 25.97 -8.88
CA GLN A 107 -36.94 27.42 -8.74
C GLN A 107 -35.98 27.81 -7.63
N ALA A 108 -36.03 27.12 -6.48
CA ALA A 108 -35.17 27.41 -5.34
C ALA A 108 -33.69 27.23 -5.70
N HIS A 109 -33.40 26.16 -6.43
CA HIS A 109 -32.06 25.91 -6.98
C HIS A 109 -31.57 27.08 -7.82
N GLU A 110 -32.42 27.57 -8.74
CA GLU A 110 -32.04 28.68 -9.62
C GLU A 110 -31.93 30.03 -8.91
N GLU A 111 -32.74 30.25 -7.87
CA GLU A 111 -32.66 31.46 -7.04
C GLU A 111 -31.36 31.49 -6.24
N ARG A 112 -30.99 30.33 -5.69
CA ARG A 112 -29.75 30.25 -4.95
C ARG A 112 -28.51 30.56 -5.80
N LEU A 113 -28.50 30.07 -7.04
CA LEU A 113 -27.40 30.33 -7.98
C LEU A 113 -27.23 31.83 -8.25
N GLN A 114 -28.35 32.51 -8.51
CA GLN A 114 -28.37 33.95 -8.76
C GLN A 114 -27.90 34.71 -7.54
N GLU A 115 -28.41 34.30 -6.39
CA GLU A 115 -27.97 34.82 -5.09
C GLU A 115 -26.46 34.74 -4.98
N VAL A 116 -25.92 33.53 -5.16
CA VAL A 116 -24.49 33.32 -5.06
C VAL A 116 -23.72 34.24 -6.01
N GLU A 117 -24.11 34.29 -7.29
CA GLU A 117 -23.37 35.11 -8.25
C GLU A 117 -23.53 36.61 -8.06
N ALA A 118 -24.70 37.03 -7.57
CA ALA A 118 -24.94 38.42 -7.17
C ALA A 118 -24.02 38.82 -6.03
N GLU A 119 -23.96 37.97 -5.01
CA GLU A 119 -23.13 38.19 -3.84
C GLU A 119 -21.65 38.20 -4.23
N VAL A 120 -21.24 37.27 -5.09
CA VAL A 120 -19.86 37.24 -5.55
C VAL A 120 -19.58 38.46 -6.43
N ALA A 121 -20.57 38.83 -7.24
CA ALA A 121 -20.47 40.00 -8.11
C ALA A 121 -20.21 41.31 -7.37
N SER A 122 -20.88 41.54 -6.24
CA SER A 122 -20.69 42.79 -5.52
C SER A 122 -19.63 42.76 -4.40
N THR A 123 -19.29 41.59 -3.88
CA THR A 123 -18.36 41.49 -2.74
C THR A 123 -17.07 40.70 -2.99
N GLY A 124 -17.05 39.89 -4.04
CA GLY A 124 -15.89 39.08 -4.36
C GLY A 124 -15.96 37.70 -3.73
N THR A 125 -16.82 37.53 -2.73
CA THR A 125 -16.97 36.25 -2.05
C THR A 125 -18.46 36.01 -1.89
N TYR A 126 -18.83 34.93 -1.20
CA TYR A 126 -20.22 34.70 -0.83
C TYR A 126 -20.23 33.91 0.46
N HIS A 127 -21.41 33.58 0.99
CA HIS A 127 -21.51 32.85 2.25
C HIS A 127 -22.47 31.71 2.16
N LEU A 128 -22.20 30.64 2.87
CA LEU A 128 -23.07 29.46 2.83
C LEU A 128 -24.26 29.59 3.79
N ARG A 129 -25.43 29.12 3.37
CA ARG A 129 -26.50 28.82 4.30
C ARG A 129 -26.06 27.71 5.24
N GLU A 130 -26.72 27.64 6.38
CA GLU A 130 -26.37 26.70 7.39
C GLU A 130 -26.39 25.27 6.84
N SER A 131 -27.46 24.91 6.13
CA SER A 131 -27.66 23.53 5.74
C SER A 131 -26.69 23.15 4.62
N GLU A 132 -26.31 24.14 3.80
CA GLU A 132 -25.24 23.97 2.84
C GLU A 132 -23.90 23.65 3.55
N LEU A 133 -23.59 24.38 4.63
CA LEU A 133 -22.38 24.05 5.45
C LEU A 133 -22.39 22.63 6.01
N VAL A 134 -23.50 22.22 6.63
CA VAL A 134 -23.61 20.83 7.14
C VAL A 134 -23.40 19.82 5.98
N PHE A 135 -24.05 20.05 4.84
CA PHE A 135 -23.94 19.17 3.71
C PHE A 135 -22.47 19.13 3.22
N GLY A 136 -21.86 20.30 3.11
CA GLY A 136 -20.50 20.42 2.63
C GLY A 136 -19.50 19.71 3.54
N ALA A 137 -19.68 19.84 4.85
CA ALA A 137 -18.84 19.16 5.83
C ALA A 137 -18.95 17.63 5.75
N LYS A 138 -20.17 17.09 5.68
CA LYS A 138 -20.33 15.65 5.52
C LYS A 138 -19.72 15.17 4.19
N GLN A 139 -19.87 15.99 3.16
CA GLN A 139 -19.38 15.61 1.86
C GLN A 139 -17.86 15.60 1.81
N ALA A 140 -17.23 16.61 2.40
CA ALA A 140 -15.76 16.60 2.53
C ALA A 140 -15.26 15.31 3.18
N TRP A 141 -15.90 14.89 4.27
CA TRP A 141 -15.56 13.63 4.89
C TRP A 141 -15.79 12.46 3.99
N ARG A 142 -16.96 12.39 3.38
CA ARG A 142 -17.29 11.35 2.42
C ARG A 142 -16.23 11.29 1.33
N ASN A 143 -15.79 12.48 0.89
CA ASN A 143 -14.80 12.56 -0.18
C ASN A 143 -13.35 12.22 0.21
N ALA A 144 -13.03 12.14 1.50
CA ALA A 144 -11.64 11.97 1.97
C ALA A 144 -11.05 10.57 1.69
N PRO A 145 -10.13 10.48 0.70
CA PRO A 145 -9.62 9.17 0.25
C PRO A 145 -8.78 8.43 1.29
N ARG A 146 -8.26 9.15 2.29
CA ARG A 146 -7.39 8.55 3.26
C ARG A 146 -8.08 8.04 4.51
N CYS A 147 -9.41 8.25 4.60
CA CYS A 147 -10.17 7.86 5.77
C CYS A 147 -10.90 6.52 5.57
N VAL A 148 -10.53 5.53 6.39
CA VAL A 148 -11.17 4.21 6.37
C VAL A 148 -12.48 4.24 7.17
N GLY A 149 -12.76 5.37 7.83
CA GLY A 149 -13.90 5.41 8.76
C GLY A 149 -15.20 5.87 8.11
N ARG A 150 -15.18 5.99 6.78
CA ARG A 150 -16.25 6.70 6.09
C ARG A 150 -17.64 6.04 6.07
N ILE A 151 -17.81 4.81 6.55
CA ILE A 151 -19.16 4.25 6.73
C ILE A 151 -19.98 5.17 7.63
N GLN A 152 -19.30 5.93 8.46
CA GLN A 152 -19.93 6.81 9.44
C GLN A 152 -20.28 8.21 8.91
N TRP A 153 -20.00 8.48 7.63
CA TRP A 153 -19.94 9.87 7.09
C TRP A 153 -21.22 10.69 7.25
N GLY A 154 -22.36 10.03 7.21
CA GLY A 154 -23.67 10.67 7.36
C GLY A 154 -23.96 11.07 8.77
N LYS A 155 -23.13 10.60 9.71
CA LYS A 155 -23.40 10.82 11.13
C LYS A 155 -22.30 11.75 11.69
N LEU A 156 -22.52 13.05 11.53
CA LEU A 156 -21.52 14.02 11.87
C LEU A 156 -22.21 15.25 12.44
N GLN A 157 -21.87 15.56 13.68
CA GLN A 157 -22.40 16.73 14.31
C GLN A 157 -21.58 17.91 13.80
N VAL A 158 -22.24 18.86 13.16
CA VAL A 158 -21.54 20.02 12.61
C VAL A 158 -21.84 21.22 13.51
N PHE A 159 -20.82 21.70 14.24
CA PHE A 159 -20.93 22.94 15.00
C PHE A 159 -20.59 24.14 14.13
N ASP A 160 -21.53 25.05 14.02
CA ASP A 160 -21.32 26.18 13.16
C ASP A 160 -20.71 27.28 14.04
N ALA A 161 -19.46 27.65 13.77
CA ALA A 161 -18.78 28.63 14.63
C ALA A 161 -18.32 29.83 13.82
N ARG A 162 -19.06 30.12 12.76
CA ARG A 162 -18.73 31.21 11.86
C ARG A 162 -19.01 32.60 12.43
N ASP A 163 -19.55 32.65 13.65
CA ASP A 163 -19.70 33.92 14.36
C ASP A 163 -18.48 34.26 15.23
N CYS A 164 -17.54 33.34 15.37
CA CYS A 164 -16.35 33.53 16.22
C CYS A 164 -15.53 34.80 15.86
N SER A 165 -15.25 35.63 16.87
CA SER A 165 -14.53 36.89 16.65
C SER A 165 -13.24 37.05 17.48
N SER A 166 -12.78 35.99 18.13
CA SER A 166 -11.56 36.12 18.96
C SER A 166 -10.94 34.75 19.25
N ALA A 167 -9.69 34.75 19.73
CA ALA A 167 -9.02 33.49 20.07
C ALA A 167 -9.68 32.89 21.31
N GLN A 168 -10.04 33.76 22.26
CA GLN A 168 -10.76 33.31 23.44
C GLN A 168 -12.04 32.54 23.08
N GLU A 169 -12.87 33.09 22.19
CA GLU A 169 -14.09 32.38 21.76
C GLU A 169 -13.76 31.07 21.00
N MET A 170 -12.67 31.07 20.22
CA MET A 170 -12.26 29.79 19.57
C MET A 170 -12.06 28.73 20.61
N PHE A 171 -11.47 29.12 21.75
CA PHE A 171 -11.16 28.19 22.82
C PHE A 171 -12.44 27.60 23.44
N THR A 172 -13.42 28.45 23.71
CA THR A 172 -14.72 28.01 24.25
C THR A 172 -15.37 27.01 23.31
N TYR A 173 -15.41 27.38 22.03
CA TYR A 173 -15.92 26.52 20.97
C TYR A 173 -15.19 25.18 20.93
N ILE A 174 -13.86 25.20 21.02
CA ILE A 174 -13.09 23.95 20.93
C ILE A 174 -13.40 23.08 22.16
N CYS A 175 -13.51 23.74 23.32
CA CYS A 175 -13.83 23.05 24.58
C CYS A 175 -15.17 22.35 24.53
N ASN A 176 -16.19 23.07 24.07
CA ASN A 176 -17.49 22.47 23.77
C ASN A 176 -17.45 21.31 22.80
N HIS A 177 -16.67 21.49 21.73
CA HIS A 177 -16.51 20.42 20.77
C HIS A 177 -15.98 19.19 21.49
N ILE A 178 -14.94 19.39 22.31
CA ILE A 178 -14.26 18.30 22.98
C ILE A 178 -15.19 17.61 23.95
N LYS A 179 -15.98 18.39 24.69
CA LYS A 179 -16.97 17.84 25.64
C LYS A 179 -18.04 17.01 24.92
N TYR A 180 -18.60 17.59 23.86
CA TYR A 180 -19.59 16.87 23.05
C TYR A 180 -19.00 15.59 22.43
N ALA A 181 -17.88 15.74 21.74
CA ALA A 181 -17.30 14.64 21.00
C ALA A 181 -16.88 13.48 21.92
N THR A 182 -16.40 13.81 23.12
CA THR A 182 -15.84 12.82 24.04
C THR A 182 -16.97 12.08 24.72
N ASN A 183 -17.90 12.84 25.28
CA ASN A 183 -19.16 12.28 25.77
C ASN A 183 -18.83 11.13 26.71
N ARG A 184 -17.85 11.36 27.58
CA ARG A 184 -17.41 10.40 28.60
C ARG A 184 -17.05 9.01 28.09
N GLY A 185 -16.45 8.94 26.91
CA GLY A 185 -16.05 7.64 26.38
C GLY A 185 -16.94 7.13 25.27
N ASN A 186 -18.19 7.59 25.23
CA ASN A 186 -19.07 7.22 24.12
C ASN A 186 -18.97 8.26 22.97
N LEU A 187 -17.92 8.10 22.16
CA LEU A 187 -17.44 9.17 21.28
C LEU A 187 -18.38 9.47 20.12
N ARG A 188 -18.46 10.74 19.74
CA ARG A 188 -19.36 11.18 18.69
C ARG A 188 -18.60 12.03 17.70
N SER A 189 -18.72 11.72 16.41
CA SER A 189 -18.02 12.45 15.37
C SER A 189 -18.51 13.89 15.31
N ALA A 190 -17.58 14.83 15.22
CA ALA A 190 -18.00 16.23 15.20
C ALA A 190 -16.97 17.07 14.49
N ILE A 191 -17.44 18.20 13.99
CA ILE A 191 -16.59 19.19 13.37
C ILE A 191 -17.05 20.58 13.83
N THR A 192 -16.09 21.46 14.08
CA THR A 192 -16.41 22.84 14.36
C THR A 192 -15.81 23.68 13.25
N VAL A 193 -16.63 24.53 12.64
CA VAL A 193 -16.25 25.36 11.49
C VAL A 193 -16.19 26.85 11.87
N PHE A 194 -15.01 27.44 11.79
CA PHE A 194 -14.78 28.84 12.11
C PHE A 194 -14.78 29.70 10.87
N PRO A 195 -14.77 31.05 11.00
CA PRO A 195 -15.00 31.89 9.80
C PRO A 195 -14.06 31.57 8.63
N GLN A 196 -14.58 31.69 7.43
CA GLN A 196 -13.88 31.35 6.21
C GLN A 196 -12.74 32.37 5.96
N ARG A 197 -11.74 31.96 5.19
CA ARG A 197 -10.76 32.90 4.61
C ARG A 197 -11.42 34.10 3.96
N ALA A 198 -10.85 35.27 4.19
CA ALA A 198 -11.36 36.51 3.58
C ALA A 198 -10.25 37.25 2.85
N PRO A 199 -10.59 37.96 1.74
CA PRO A 199 -9.61 38.79 1.00
C PRO A 199 -8.81 39.74 1.91
N GLY A 200 -7.48 39.63 1.88
CA GLY A 200 -6.57 40.50 2.65
C GLY A 200 -6.70 40.62 4.17
N ARG A 201 -7.57 39.80 4.78
CA ARG A 201 -7.74 39.72 6.24
C ARG A 201 -7.07 38.43 6.69
N GLY A 202 -6.52 38.39 7.90
CA GLY A 202 -5.84 37.17 8.37
C GLY A 202 -6.78 35.99 8.61
N ASP A 203 -6.24 34.77 8.57
CA ASP A 203 -7.01 33.54 8.76
C ASP A 203 -7.24 33.18 10.23
N PHE A 204 -8.32 32.47 10.51
CA PHE A 204 -8.40 31.73 11.77
C PHE A 204 -7.54 30.51 11.58
N ARG A 205 -6.66 30.25 12.57
CA ARG A 205 -5.84 29.05 12.56
C ARG A 205 -5.70 28.46 13.95
N ILE A 206 -5.76 27.14 14.02
CA ILE A 206 -5.26 26.41 15.16
C ILE A 206 -3.86 25.97 14.75
N TRP A 207 -2.85 26.37 15.52
CA TRP A 207 -1.47 26.03 15.24
C TRP A 207 -1.20 24.57 15.50
N ASN A 208 -1.81 24.00 16.53
CA ASN A 208 -1.63 22.55 16.81
C ASN A 208 -2.22 21.67 15.71
N SER A 209 -1.55 20.55 15.44
CA SER A 209 -1.96 19.61 14.43
C SER A 209 -3.14 18.76 14.90
N GLN A 210 -3.22 18.52 16.20
CA GLN A 210 -4.42 17.89 16.76
C GLN A 210 -4.81 18.67 18.00
N LEU A 211 -6.05 18.53 18.44
CA LEU A 211 -6.49 19.17 19.67
C LEU A 211 -5.77 18.57 20.87
N VAL A 212 -5.45 17.28 20.78
CA VAL A 212 -4.69 16.64 21.87
C VAL A 212 -3.35 16.21 21.28
N ARG A 213 -2.26 16.68 21.88
CA ARG A 213 -0.91 16.32 21.47
C ARG A 213 -0.03 16.27 22.73
N TYR A 214 0.80 15.22 22.81
CA TYR A 214 1.77 15.12 23.90
C TYR A 214 3.04 15.85 23.54
N ALA A 215 3.65 16.49 24.54
CA ALA A 215 4.88 17.26 24.34
C ALA A 215 6.03 16.37 23.86
N GLY A 216 6.92 16.99 23.10
CA GLY A 216 8.15 16.37 22.68
C GLY A 216 9.26 17.30 23.10
N TYR A 217 10.08 16.85 24.05
CA TYR A 217 11.12 17.68 24.62
C TYR A 217 12.46 17.20 24.10
N ARG A 218 13.11 18.05 23.33
CA ARG A 218 14.45 17.82 22.82
C ARG A 218 15.48 17.82 23.96
N GLN A 219 16.22 16.74 24.12
CA GLN A 219 17.18 16.62 25.23
C GLN A 219 18.55 17.16 24.85
N GLN A 220 19.39 17.38 25.86
CA GLN A 220 20.78 17.75 25.60
C GLN A 220 21.47 16.66 24.78
N ASP A 221 21.27 15.39 25.15
CA ASP A 221 21.90 14.29 24.41
C ASP A 221 21.38 14.13 22.97
N GLY A 222 20.29 14.81 22.65
CA GLY A 222 19.72 14.80 21.30
C GLY A 222 18.51 13.89 21.14
N SER A 223 18.23 13.05 22.14
CA SER A 223 17.02 12.24 22.11
C SER A 223 15.81 13.15 22.47
N VAL A 224 14.62 12.56 22.44
CA VAL A 224 13.40 13.27 22.75
C VAL A 224 12.65 12.56 23.88
N ARG A 225 12.21 13.31 24.88
CA ARG A 225 11.26 12.79 25.84
C ARG A 225 9.86 13.18 25.36
N GLY A 226 8.96 12.20 25.36
CA GLY A 226 7.60 12.42 24.88
C GLY A 226 7.47 12.08 23.40
N ASP A 227 6.60 12.82 22.70
CA ASP A 227 6.30 12.51 21.29
C ASP A 227 7.18 13.29 20.31
N PRO A 228 8.10 12.58 19.61
CA PRO A 228 8.98 13.32 18.70
C PRO A 228 8.23 13.98 17.56
N ALA A 229 7.01 13.50 17.26
CA ALA A 229 6.16 14.19 16.29
C ALA A 229 5.88 15.66 16.68
N ASN A 230 5.91 15.97 17.97
CA ASN A 230 5.46 17.31 18.44
C ASN A 230 6.57 18.23 18.93
N VAL A 231 7.81 17.94 18.52
CA VAL A 231 8.96 18.74 18.93
C VAL A 231 8.74 20.22 18.56
N GLU A 232 8.35 20.46 17.31
CA GLU A 232 8.27 21.82 16.81
C GLU A 232 7.15 22.58 17.50
N ILE A 233 5.97 21.95 17.57
CA ILE A 233 4.81 22.60 18.23
C ILE A 233 5.11 22.79 19.73
N THR A 234 5.84 21.86 20.32
CA THR A 234 6.25 22.02 21.72
C THR A 234 7.09 23.29 21.92
N GLU A 235 8.10 23.50 21.07
CA GLU A 235 8.98 24.67 21.22
C GLU A 235 8.28 25.96 20.87
N LEU A 236 7.35 25.93 19.92
CA LEU A 236 6.49 27.09 19.64
C LEU A 236 5.67 27.48 20.87
N CYS A 237 5.10 26.50 21.57
CA CYS A 237 4.35 26.71 22.82
C CYS A 237 5.20 27.37 23.91
N ILE A 238 6.43 26.86 24.09
CA ILE A 238 7.40 27.47 25.02
C ILE A 238 7.78 28.89 24.56
N GLN A 239 8.05 29.08 23.28
CA GLN A 239 8.40 30.44 22.80
C GLN A 239 7.27 31.41 23.05
N HIS A 240 6.03 30.92 23.04
CA HIS A 240 4.86 31.77 23.23
C HIS A 240 4.44 31.81 24.67
N GLY A 241 5.33 31.38 25.56
CA GLY A 241 5.12 31.55 27.00
C GLY A 241 4.69 30.34 27.83
N TRP A 242 4.57 29.15 27.22
CA TRP A 242 4.17 27.98 28.01
C TRP A 242 5.29 27.46 28.86
N THR A 243 5.03 27.27 30.15
CA THR A 243 6.05 26.65 31.01
C THR A 243 5.97 25.16 30.77
N PRO A 244 7.04 24.57 30.22
CA PRO A 244 7.01 23.17 29.83
C PRO A 244 7.08 22.22 31.02
N GLY A 245 6.57 20.99 30.85
CA GLY A 245 6.73 19.95 31.85
C GLY A 245 7.98 19.14 31.54
N ASN A 246 8.03 17.89 32.01
CA ASN A 246 9.12 17.00 31.57
C ASN A 246 8.75 15.51 31.64
N GLY A 247 7.51 15.18 31.27
CA GLY A 247 7.07 13.79 31.24
C GLY A 247 6.99 13.28 29.81
N ARG A 248 6.64 12.00 29.67
CA ARG A 248 6.48 11.39 28.35
C ARG A 248 5.12 11.75 27.74
N PHE A 249 4.20 12.24 28.58
CA PHE A 249 2.79 12.39 28.18
C PHE A 249 2.15 13.68 28.68
N ASP A 250 2.88 14.78 28.53
CA ASP A 250 2.37 16.08 28.93
C ASP A 250 1.45 16.57 27.81
N VAL A 251 0.18 16.80 28.12
CA VAL A 251 -0.75 17.36 27.13
C VAL A 251 -0.38 18.81 26.83
N LEU A 252 -0.32 19.16 25.55
CA LEU A 252 0.11 20.51 25.17
C LEU A 252 -1.02 21.50 25.25
N PRO A 253 -0.68 22.80 25.38
CA PRO A 253 -1.70 23.83 25.25
C PRO A 253 -2.01 24.08 23.79
N LEU A 254 -3.13 24.73 23.54
CA LEU A 254 -3.54 25.06 22.19
C LEU A 254 -3.00 26.42 21.91
N LEU A 255 -2.47 26.60 20.71
CA LEU A 255 -2.08 27.91 20.25
C LEU A 255 -3.10 28.30 19.19
N LEU A 256 -3.90 29.32 19.50
CA LEU A 256 -5.04 29.73 18.67
C LEU A 256 -4.88 31.13 18.13
N GLN A 257 -5.23 31.30 16.87
CA GLN A 257 -4.96 32.54 16.18
C GLN A 257 -6.23 33.04 15.53
N ALA A 258 -6.60 34.24 15.91
CA ALA A 258 -7.68 34.95 15.29
C ALA A 258 -7.04 35.91 14.26
N PRO A 259 -7.83 36.38 13.28
CA PRO A 259 -7.32 37.19 12.17
C PRO A 259 -6.38 38.32 12.58
N ASP A 260 -5.17 38.32 11.99
CA ASP A 260 -4.18 39.37 12.15
C ASP A 260 -3.75 39.58 13.59
N GLU A 261 -3.80 38.53 14.40
CA GLU A 261 -3.31 38.59 15.76
C GLU A 261 -2.31 37.49 16.00
N ALA A 262 -1.38 37.77 16.91
CA ALA A 262 -0.46 36.75 17.41
C ALA A 262 -1.32 35.60 17.96
N PRO A 263 -0.87 34.35 17.81
CA PRO A 263 -1.66 33.28 18.42
C PRO A 263 -1.66 33.42 19.95
N GLU A 264 -2.75 33.00 20.59
CA GLU A 264 -2.80 33.01 22.04
C GLU A 264 -2.79 31.59 22.59
N LEU A 265 -2.19 31.44 23.74
CA LEU A 265 -1.99 30.15 24.38
C LEU A 265 -3.16 29.80 25.26
N PHE A 266 -3.66 28.57 25.19
CA PHE A 266 -4.74 28.14 26.07
C PHE A 266 -4.50 26.72 26.57
N VAL A 267 -4.55 26.56 27.89
CA VAL A 267 -4.38 25.25 28.52
C VAL A 267 -5.74 24.53 28.58
N LEU A 268 -5.79 23.29 28.11
CA LEU A 268 -7.01 22.48 28.29
C LEU A 268 -7.18 22.09 29.76
N PRO A 269 -8.37 22.36 30.35
CA PRO A 269 -8.59 21.81 31.69
C PRO A 269 -8.39 20.29 31.61
N PRO A 270 -7.62 19.69 32.53
CA PRO A 270 -7.30 18.28 32.33
C PRO A 270 -8.52 17.37 32.38
N GLU A 271 -9.60 17.84 33.01
CA GLU A 271 -10.83 17.04 33.10
C GLU A 271 -11.50 16.86 31.74
N LEU A 272 -11.18 17.74 30.79
CA LEU A 272 -11.71 17.64 29.44
C LEU A 272 -11.03 16.59 28.57
N VAL A 273 -9.80 16.21 28.94
CA VAL A 273 -8.96 15.37 28.09
C VAL A 273 -8.98 13.92 28.60
N LEU A 274 -9.88 13.11 28.05
CA LEU A 274 -9.98 11.73 28.49
C LEU A 274 -8.76 10.97 27.97
N GLU A 275 -8.07 10.28 28.89
CA GLU A 275 -6.96 9.39 28.52
C GLU A 275 -7.23 7.98 29.01
N VAL A 276 -6.58 7.00 28.39
CA VAL A 276 -6.76 5.61 28.76
C VAL A 276 -5.38 5.06 29.17
N PRO A 277 -5.20 4.65 30.44
CA PRO A 277 -3.92 3.99 30.74
C PRO A 277 -3.95 2.61 30.12
N LEU A 278 -2.80 2.17 29.63
CA LEU A 278 -2.73 0.93 28.88
C LEU A 278 -2.34 -0.24 29.78
N GLU A 279 -3.16 -1.29 29.76
CA GLU A 279 -2.76 -2.55 30.35
C GLU A 279 -3.00 -3.67 29.33
N HIS A 280 -2.38 -4.83 29.55
CA HIS A 280 -2.55 -5.98 28.68
C HIS A 280 -3.42 -6.98 29.39
N PRO A 281 -4.26 -7.74 28.66
CA PRO A 281 -5.19 -8.65 29.35
C PRO A 281 -4.53 -9.78 30.11
N THR A 282 -3.41 -10.33 29.63
CA THR A 282 -2.74 -11.41 30.38
C THR A 282 -1.31 -11.14 30.84
N LEU A 283 -0.65 -10.15 30.21
CA LEU A 283 0.72 -9.79 30.58
C LEU A 283 0.61 -8.72 31.64
N GLU A 284 0.79 -9.14 32.88
CA GLU A 284 0.49 -8.29 34.01
C GLU A 284 1.43 -7.11 34.11
N TRP A 285 2.65 -7.25 33.59
CA TRP A 285 3.68 -6.22 33.73
C TRP A 285 3.49 -5.07 32.78
N PHE A 286 2.59 -5.22 31.79
CA PHE A 286 2.41 -4.18 30.78
C PHE A 286 1.93 -2.89 31.40
N ALA A 287 1.02 -2.97 32.39
CA ALA A 287 0.55 -1.77 33.12
C ALA A 287 1.71 -1.02 33.76
N ALA A 288 2.71 -1.74 34.29
CA ALA A 288 3.92 -1.10 34.84
C ALA A 288 4.72 -0.21 33.86
N LEU A 289 4.51 -0.37 32.57
CA LEU A 289 5.16 0.47 31.57
C LEU A 289 4.68 1.94 31.60
N GLY A 290 3.52 2.19 32.20
CA GLY A 290 2.96 3.54 32.32
C GLY A 290 2.61 4.18 30.99
N LEU A 291 2.34 3.35 29.97
CA LEU A 291 1.89 3.93 28.70
C LEU A 291 0.41 4.37 28.76
N ARG A 292 0.06 5.34 27.94
CA ARG A 292 -1.33 5.77 27.84
C ARG A 292 -1.56 6.40 26.49
N TRP A 293 -2.82 6.61 26.16
CA TRP A 293 -3.17 7.41 25.01
C TRP A 293 -4.44 8.12 25.30
N TYR A 294 -4.65 9.23 24.62
CA TYR A 294 -5.88 10.01 24.74
C TYR A 294 -6.97 9.45 23.83
N ALA A 295 -8.21 9.68 24.23
CA ALA A 295 -9.39 9.09 23.58
C ALA A 295 -9.74 9.74 22.24
N LEU A 296 -9.52 11.05 22.13
CA LEU A 296 -10.16 11.81 21.06
C LEU A 296 -9.16 12.21 20.00
N PRO A 297 -9.25 11.60 18.81
CA PRO A 297 -8.38 12.00 17.73
C PRO A 297 -9.04 13.13 17.00
N ALA A 298 -8.46 14.32 17.08
CA ALA A 298 -9.14 15.48 16.54
C ALA A 298 -8.17 16.29 15.70
N VAL A 299 -8.34 16.23 14.38
CA VAL A 299 -7.41 16.90 13.45
C VAL A 299 -7.76 18.37 13.36
N SER A 300 -6.77 19.23 13.58
CA SER A 300 -7.01 20.67 13.62
C SER A 300 -6.20 21.52 12.64
N ASN A 301 -5.39 20.88 11.81
CA ASN A 301 -4.55 21.68 10.88
C ASN A 301 -4.97 21.63 9.40
N MET A 302 -6.11 21.00 9.12
CA MET A 302 -6.56 20.90 7.73
C MET A 302 -7.54 21.99 7.33
N LEU A 303 -7.54 22.29 6.04
CA LEU A 303 -8.42 23.29 5.48
C LEU A 303 -9.62 22.54 4.89
N LEU A 304 -10.82 22.98 5.30
CA LEU A 304 -12.05 22.51 4.71
C LEU A 304 -12.45 23.45 3.56
N GLU A 305 -12.52 22.88 2.35
CA GLU A 305 -12.92 23.64 1.17
C GLU A 305 -14.34 23.25 0.71
N ILE A 306 -15.23 24.24 0.64
CA ILE A 306 -16.59 24.03 0.21
C ILE A 306 -16.97 25.10 -0.80
N GLY A 307 -17.27 24.65 -2.02
CA GLY A 307 -17.76 25.56 -3.06
C GLY A 307 -16.84 26.75 -3.30
N GLY A 308 -15.54 26.54 -3.10
CA GLY A 308 -14.54 27.59 -3.35
C GLY A 308 -14.25 28.41 -2.10
N LEU A 309 -15.06 28.22 -1.07
CA LEU A 309 -14.84 28.89 0.20
C LEU A 309 -13.84 28.07 1.02
N GLU A 310 -12.98 28.78 1.75
CA GLU A 310 -11.89 28.14 2.48
C GLU A 310 -11.98 28.35 3.98
N PHE A 311 -12.19 27.25 4.70
CA PHE A 311 -12.31 27.28 6.16
C PHE A 311 -10.99 26.74 6.73
N SER A 312 -10.11 27.69 7.07
CA SER A 312 -8.74 27.38 7.49
C SER A 312 -8.67 26.81 8.90
N ALA A 313 -9.68 27.09 9.72
CA ALA A 313 -9.82 26.39 11.01
C ALA A 313 -11.16 25.69 11.04
N ALA A 314 -11.11 24.36 11.04
CA ALA A 314 -12.30 23.54 11.00
C ALA A 314 -11.98 22.16 11.59
N PRO A 315 -11.66 22.11 12.90
CA PRO A 315 -11.18 20.85 13.46
C PRO A 315 -12.29 19.82 13.49
N PHE A 316 -11.94 18.56 13.29
CA PHE A 316 -12.93 17.49 13.28
C PHE A 316 -12.37 16.30 14.05
N SER A 317 -13.25 15.49 14.59
CA SER A 317 -12.82 14.35 15.40
C SER A 317 -13.71 13.18 15.14
N GLY A 318 -13.21 11.98 15.40
CA GLY A 318 -14.04 10.80 15.29
C GLY A 318 -13.73 9.91 16.48
N TRP A 319 -13.22 8.72 16.20
CA TRP A 319 -12.63 7.83 17.21
C TRP A 319 -11.53 7.06 16.53
N TYR A 320 -10.67 6.42 17.33
CA TYR A 320 -9.47 5.82 16.83
C TYR A 320 -9.70 4.44 16.27
N MET A 321 -8.94 4.15 15.21
CA MET A 321 -8.69 2.78 14.88
C MET A 321 -7.43 2.44 15.66
N SER A 322 -7.46 1.27 16.30
CA SER A 322 -6.54 0.91 17.33
C SER A 322 -5.09 0.82 16.84
N THR A 323 -4.93 0.45 15.58
CA THR A 323 -3.59 0.42 14.97
C THR A 323 -2.97 1.83 14.95
N GLU A 324 -3.77 2.89 14.98
CA GLU A 324 -3.16 4.22 14.91
C GLU A 324 -2.27 4.45 16.16
N ILE A 325 -2.80 3.97 17.29
CA ILE A 325 -2.14 4.11 18.57
C ILE A 325 -1.11 3.02 18.77
N GLY A 326 -1.55 1.77 18.71
CA GLY A 326 -0.70 0.65 19.09
C GLY A 326 0.37 0.35 18.05
N THR A 327 0.09 0.55 16.78
CA THR A 327 1.14 0.33 15.78
C THR A 327 1.91 1.63 15.47
N ARG A 328 1.25 2.69 15.02
CA ARG A 328 2.03 3.87 14.55
C ARG A 328 2.59 4.70 15.72
N ASN A 329 1.70 5.20 16.58
CA ASN A 329 2.09 6.21 17.56
C ASN A 329 3.06 5.62 18.56
N LEU A 330 2.86 4.34 18.89
CA LEU A 330 3.67 3.70 19.90
C LEU A 330 4.88 2.96 19.34
N CYS A 331 4.75 2.33 18.16
CA CYS A 331 5.85 1.52 17.61
C CYS A 331 6.65 2.14 16.49
N ASP A 332 6.17 3.20 15.84
CA ASP A 332 7.04 3.89 14.83
C ASP A 332 8.40 4.18 15.44
N PRO A 333 9.49 3.95 14.69
CA PRO A 333 10.81 4.24 15.23
C PRO A 333 11.00 5.72 15.57
N HIS A 334 10.24 6.57 14.90
CA HIS A 334 10.39 8.02 15.07
C HIS A 334 9.23 8.59 15.87
N ARG A 335 8.50 7.72 16.55
CA ARG A 335 7.45 8.14 17.46
C ARG A 335 7.87 7.62 18.85
N TYR A 336 6.99 7.00 19.62
CA TYR A 336 7.43 6.50 20.94
C TYR A 336 8.42 5.34 20.87
N ASN A 337 8.41 4.62 19.76
CA ASN A 337 9.46 3.58 19.53
C ASN A 337 9.56 2.55 20.66
N ILE A 338 8.45 1.95 21.09
CA ILE A 338 8.48 1.04 22.29
C ILE A 338 8.67 -0.45 22.03
N LEU A 339 8.72 -0.82 20.75
CA LEU A 339 8.83 -2.21 20.32
C LEU A 339 9.90 -3.01 21.06
N GLU A 340 11.14 -2.52 21.06
CA GLU A 340 12.22 -3.15 21.84
C GLU A 340 11.90 -3.34 23.32
N ASP A 341 11.47 -2.27 23.99
CA ASP A 341 11.10 -2.36 25.40
C ASP A 341 10.12 -3.50 25.65
N VAL A 342 9.09 -3.59 24.79
CA VAL A 342 8.04 -4.59 25.00
C VAL A 342 8.56 -5.98 24.71
N ALA A 343 9.36 -6.09 23.65
CA ALA A 343 9.96 -7.38 23.30
C ALA A 343 10.89 -7.88 24.42
N VAL A 344 11.66 -6.98 24.98
CA VAL A 344 12.57 -7.36 26.07
C VAL A 344 11.75 -7.93 27.24
N CAS A 345 10.65 -7.24 27.58
CA CAS A 345 9.78 -7.66 28.66
CB CAS A 345 8.70 -6.63 28.94
C CAS A 345 9.13 -9.01 28.36
O CAS A 345 8.91 -9.81 29.25
SG CAS A 345 9.31 -5.00 29.46
AS CAS A 345 9.19 -5.80 31.80
CE1 CAS A 345 11.07 -5.17 31.87
CE2 CAS A 345 7.82 -4.55 32.52
N MET A 346 8.80 -9.25 27.09
CA MET A 346 8.21 -10.53 26.69
C MET A 346 9.28 -11.59 26.55
N ASP A 347 10.54 -11.21 26.77
CA ASP A 347 11.65 -12.14 26.70
C ASP A 347 11.83 -12.72 25.27
N LEU A 348 11.66 -11.87 24.28
CA LEU A 348 11.82 -12.30 22.89
C LEU A 348 13.28 -12.19 22.50
N ASP A 349 13.62 -12.83 21.39
CA ASP A 349 14.98 -12.78 20.91
C ASP A 349 15.10 -11.59 19.99
N THR A 350 15.51 -10.45 20.53
CA THR A 350 15.59 -9.23 19.71
C THR A 350 16.89 -9.14 18.92
N ARG A 351 17.66 -10.21 18.88
CA ARG A 351 18.98 -10.14 18.24
C ARG A 351 18.95 -10.62 16.79
N THR A 352 17.80 -11.13 16.36
CA THR A 352 17.63 -11.66 15.02
C THR A 352 16.26 -11.25 14.48
N THR A 353 16.19 -10.86 13.21
CA THR A 353 14.92 -10.51 12.59
C THR A 353 13.98 -11.74 12.55
N SER A 354 14.55 -12.92 12.30
CA SER A 354 13.75 -14.12 12.03
C SER A 354 12.93 -14.68 13.19
N SER A 355 13.17 -14.20 14.41
CA SER A 355 12.34 -14.59 15.56
C SER A 355 10.94 -13.96 15.48
N LEU A 356 10.83 -12.93 14.64
CA LEU A 356 9.58 -12.16 14.47
C LEU A 356 9.20 -11.43 15.75
N TRP A 357 10.22 -11.01 16.49
CA TRP A 357 10.02 -10.37 17.76
C TRP A 357 9.26 -9.07 17.60
N LYS A 358 9.49 -8.37 16.50
CA LYS A 358 8.76 -7.13 16.25
C LYS A 358 7.26 -7.35 16.06
N ASP A 359 6.93 -8.38 15.28
CA ASP A 359 5.54 -8.73 14.98
C ASP A 359 4.82 -9.19 16.26
N LYS A 360 5.52 -9.95 17.09
CA LYS A 360 4.89 -10.49 18.30
C LYS A 360 4.63 -9.35 19.28
N ALA A 361 5.62 -8.47 19.45
CA ALA A 361 5.48 -7.36 20.38
C ALA A 361 4.41 -6.42 19.88
N ALA A 362 4.41 -6.13 18.58
CA ALA A 362 3.39 -5.20 18.02
C ALA A 362 1.97 -5.72 18.21
N VAL A 363 1.78 -7.03 18.00
CA VAL A 363 0.47 -7.64 18.23
C VAL A 363 -0.01 -7.43 19.67
N GLU A 364 0.89 -7.61 20.65
CA GLU A 364 0.48 -7.46 22.04
C GLU A 364 0.23 -6.02 22.41
N ILE A 365 0.98 -5.09 21.82
CA ILE A 365 0.73 -3.66 22.05
C ILE A 365 -0.66 -3.26 21.50
N ASN A 366 -0.99 -3.74 20.30
CA ASN A 366 -2.32 -3.51 19.72
C ASN A 366 -3.42 -4.13 20.56
N LEU A 367 -3.18 -5.35 21.06
CA LEU A 367 -4.18 -5.98 21.93
C LEU A 367 -4.32 -5.16 23.22
N ALA A 368 -3.20 -4.66 23.75
CA ALA A 368 -3.28 -3.89 24.99
C ALA A 368 -4.13 -2.64 24.80
N VAL A 369 -3.92 -1.95 23.68
CA VAL A 369 -4.73 -0.79 23.32
C VAL A 369 -6.23 -1.14 23.24
N LEU A 370 -6.57 -2.20 22.49
CA LEU A 370 -7.97 -2.61 22.36
C LEU A 370 -8.56 -2.93 23.71
N HIS A 371 -7.85 -3.77 24.46
CA HIS A 371 -8.29 -4.21 25.79
C HIS A 371 -8.49 -3.04 26.73
N SER A 372 -7.55 -2.11 26.70
CA SER A 372 -7.59 -1.00 27.63
C SER A 372 -8.71 -0.01 27.31
N PHE A 373 -8.93 0.29 26.03
CA PHE A 373 -10.07 1.16 25.64
C PHE A 373 -11.42 0.53 25.97
N GLN A 374 -11.53 -0.77 25.72
CA GLN A 374 -12.74 -1.53 26.09
C GLN A 374 -13.05 -1.44 27.58
N LEU A 375 -12.10 -1.88 28.40
CA LEU A 375 -12.20 -1.80 29.85
C LEU A 375 -12.58 -0.38 30.31
N ALA A 376 -11.97 0.63 29.69
CA ALA A 376 -12.28 2.01 30.03
C ALA A 376 -13.63 2.52 29.46
N LYS A 377 -14.28 1.72 28.60
CA LYS A 377 -15.53 2.11 27.89
C LYS A 377 -15.30 3.31 26.99
N VAL A 378 -14.20 3.30 26.25
CA VAL A 378 -13.93 4.40 25.34
C VAL A 378 -14.00 3.78 23.94
N THR A 379 -14.86 4.35 23.09
CA THR A 379 -15.03 3.85 21.74
C THR A 379 -13.69 3.69 21.04
N ILE A 380 -13.53 2.55 20.37
CA ILE A 380 -12.35 2.31 19.55
C ILE A 380 -12.76 1.21 18.57
N VAL A 381 -12.09 1.14 17.44
CA VAL A 381 -12.42 0.06 16.50
C VAL A 381 -11.09 -0.55 16.05
N ASP A 382 -11.03 -1.86 16.09
CA ASP A 382 -9.87 -2.56 15.61
C ASP A 382 -9.84 -2.57 14.09
N HIS A 383 -8.69 -2.93 13.54
CA HIS A 383 -8.47 -2.86 12.11
C HIS A 383 -9.25 -3.86 11.33
N HIS A 384 -9.66 -4.99 11.93
CA HIS A 384 -10.53 -5.91 11.20
C HIS A 384 -11.92 -5.39 11.09
N ALA A 385 -12.45 -4.80 12.16
CA ALA A 385 -13.82 -4.37 12.15
C ALA A 385 -13.88 -3.14 11.30
N ALA A 386 -12.89 -2.25 11.42
CA ALA A 386 -12.87 -1.04 10.59
C ALA A 386 -12.79 -1.36 9.10
N THR A 387 -11.98 -2.33 8.73
CA THR A 387 -11.82 -2.55 7.28
C THR A 387 -13.02 -3.30 6.71
N VAL A 388 -13.59 -4.25 7.46
CA VAL A 388 -14.86 -4.83 7.06
C VAL A 388 -15.93 -3.74 6.80
N SER A 389 -16.05 -2.80 7.71
CA SER A 389 -17.04 -1.76 7.55
C SER A 389 -16.70 -0.84 6.34
N PHE A 390 -15.41 -0.71 6.03
CA PHE A 390 -15.06 0.13 4.87
C PHE A 390 -15.46 -0.58 3.58
N MET A 391 -15.49 -1.92 3.61
CA MET A 391 -15.92 -2.71 2.45
C MET A 391 -17.39 -2.48 2.19
N LYS A 392 -18.17 -2.42 3.27
CA LYS A 392 -19.58 -2.10 3.17
C LYS A 392 -19.78 -0.68 2.61
N HIS A 393 -18.98 0.24 3.10
CA HIS A 393 -18.97 1.60 2.59
C HIS A 393 -18.75 1.64 1.09
N LEU A 394 -17.75 0.90 0.58
CA LEU A 394 -17.47 0.86 -0.86
C LEU A 394 -18.66 0.36 -1.68
N ASP A 395 -19.32 -0.70 -1.22
CA ASP A 395 -20.57 -1.14 -1.79
C ASP A 395 -21.67 -0.04 -1.75
N ASN A 396 -21.88 0.57 -0.58
CA ASN A 396 -22.84 1.67 -0.47
C ASN A 396 -22.58 2.76 -1.52
N GLU A 397 -21.33 3.17 -1.66
CA GLU A 397 -20.98 4.27 -2.55
C GLU A 397 -20.99 3.88 -4.04
N GLN A 398 -20.74 2.61 -4.33
CA GLN A 398 -20.79 2.13 -5.70
C GLN A 398 -22.21 2.35 -6.21
N LYS A 399 -23.19 1.93 -5.41
CA LYS A 399 -24.58 2.17 -5.71
C LYS A 399 -24.99 3.64 -5.64
N ALA A 400 -24.53 4.37 -4.63
CA ALA A 400 -24.98 5.77 -4.44
C ALA A 400 -24.43 6.72 -5.50
N ARG A 401 -23.17 6.53 -5.88
CA ARG A 401 -22.42 7.55 -6.68
C ARG A 401 -21.55 6.92 -7.74
N GLY A 402 -21.47 5.58 -7.75
CA GLY A 402 -20.72 4.90 -8.82
C GLY A 402 -19.21 4.90 -8.58
N GLY A 403 -18.80 4.95 -7.32
CA GLY A 403 -17.40 4.85 -6.99
C GLY A 403 -17.12 5.50 -5.65
N CYS A 404 -15.85 5.42 -5.24
CA CYS A 404 -15.44 5.94 -3.96
C CYS A 404 -13.96 6.19 -4.04
N PRO A 405 -13.53 7.46 -3.94
CA PRO A 405 -12.09 7.71 -3.99
C PRO A 405 -11.40 7.13 -2.74
N ALA A 406 -10.30 6.41 -2.95
CA ALA A 406 -9.64 5.71 -1.87
C ALA A 406 -8.14 5.59 -2.13
N ASP A 407 -7.37 5.91 -1.09
CA ASP A 407 -5.93 5.89 -1.13
C ASP A 407 -5.53 4.55 -0.49
N TRP A 408 -5.22 3.57 -1.34
CA TRP A 408 -4.92 2.18 -0.88
C TRP A 408 -3.87 2.09 0.22
N ALA A 409 -2.81 2.87 0.09
CA ALA A 409 -1.67 2.84 1.04
C ALA A 409 -2.07 3.28 2.44
N TRP A 410 -3.09 4.13 2.49
CA TRP A 410 -3.60 4.61 3.74
C TRP A 410 -4.69 3.80 4.28
N ILE A 411 -5.45 3.14 3.40
CA ILE A 411 -6.63 2.40 3.83
C ILE A 411 -6.22 1.09 4.46
N VAL A 412 -5.21 0.45 3.88
CA VAL A 412 -4.66 -0.79 4.38
C VAL A 412 -3.89 -0.49 5.66
N PRO A 413 -4.25 -1.17 6.75
CA PRO A 413 -3.70 -0.96 8.09
C PRO A 413 -2.22 -1.33 8.14
N PRO A 414 -1.49 -0.78 9.12
CA PRO A 414 -0.04 -0.93 9.12
C PRO A 414 0.49 -2.25 9.73
N ILE A 415 -0.36 -3.02 10.39
CA ILE A 415 -0.09 -4.44 10.66
C ILE A 415 -1.17 -5.31 9.98
N SER A 416 -0.84 -6.56 9.69
CA SER A 416 -1.83 -7.59 9.34
C SER A 416 -2.58 -7.28 8.03
N GLY A 417 -1.94 -6.51 7.17
CA GLY A 417 -2.54 -5.99 5.96
C GLY A 417 -3.37 -6.93 5.13
N SER A 418 -2.79 -8.03 4.65
CA SER A 418 -3.55 -8.93 3.80
C SER A 418 -4.52 -9.81 4.59
N LEU A 419 -4.49 -9.71 5.91
CA LEU A 419 -5.54 -10.35 6.71
C LEU A 419 -6.82 -9.51 6.69
N THR A 420 -6.75 -8.27 6.20
CA THR A 420 -7.94 -7.43 6.11
C THR A 420 -8.49 -7.46 4.66
N PRO A 421 -9.83 -7.37 4.50
CA PRO A 421 -10.41 -7.47 3.14
C PRO A 421 -9.95 -6.33 2.21
N VAL A 422 -9.61 -5.16 2.73
CA VAL A 422 -9.21 -4.03 1.85
C VAL A 422 -7.89 -4.23 1.06
N PHE A 423 -6.98 -5.02 1.61
CA PHE A 423 -5.73 -5.37 0.90
C PHE A 423 -6.02 -5.91 -0.50
N HIS A 424 -7.08 -6.71 -0.61
CA HIS A 424 -7.41 -7.44 -1.83
C HIS A 424 -8.31 -6.64 -2.73
N GLN A 425 -8.65 -5.43 -2.31
CA GLN A 425 -9.55 -4.55 -3.05
C GLN A 425 -8.76 -3.49 -3.80
N GLU A 426 -8.81 -3.50 -5.12
CA GLU A 426 -8.27 -2.39 -5.91
C GLU A 426 -9.04 -1.11 -5.62
N MET A 427 -8.35 0.03 -5.71
CA MET A 427 -8.96 1.30 -5.37
C MET A 427 -8.52 2.36 -6.34
N VAL A 428 -9.39 3.36 -6.51
CA VAL A 428 -9.12 4.46 -7.43
C VAL A 428 -9.07 5.71 -6.59
N ASN A 429 -7.99 6.47 -6.78
CA ASN A 429 -7.81 7.64 -5.95
C ASN A 429 -7.88 8.91 -6.83
N TYR A 430 -8.65 9.89 -6.37
CA TYR A 430 -8.92 11.15 -7.13
C TYR A 430 -9.49 12.17 -6.15
N ILE A 431 -9.39 13.45 -6.50
CA ILE A 431 -9.81 14.51 -5.61
C ILE A 431 -11.24 14.97 -5.97
N LEU A 432 -12.18 14.88 -5.03
CA LEU A 432 -13.50 15.52 -5.21
C LEU A 432 -13.62 16.69 -4.26
N SER A 433 -14.47 17.66 -4.61
CA SER A 433 -14.80 18.78 -3.71
C SER A 433 -16.29 18.72 -3.35
N PRO A 434 -16.68 19.12 -2.12
CA PRO A 434 -15.93 19.53 -0.92
C PRO A 434 -14.80 18.59 -0.50
N ALA A 435 -13.76 19.19 0.05
CA ALA A 435 -12.57 18.46 0.45
C ALA A 435 -11.91 19.03 1.70
N PHE A 436 -11.28 18.12 2.44
CA PHE A 436 -10.25 18.48 3.41
C PHE A 436 -8.87 18.45 2.71
N ARG A 437 -8.09 19.53 2.85
CA ARG A 437 -6.76 19.68 2.23
C ARG A 437 -5.73 20.00 3.33
N TYR A 438 -4.48 19.64 3.06
CA TYR A 438 -3.38 20.14 3.86
C TYR A 438 -3.19 21.63 3.50
N GLN A 439 -2.61 22.39 4.41
CA GLN A 439 -2.36 23.80 4.22
C GLN A 439 -1.04 24.03 4.92
N PRO A 440 -0.34 25.11 4.58
CA PRO A 440 0.92 25.40 5.25
C PRO A 440 0.73 25.71 6.74
N ASP A 441 1.77 25.44 7.52
CA ASP A 441 1.80 25.90 8.90
C ASP A 441 1.81 27.42 9.00
N PRO A 442 1.09 27.98 10.00
CA PRO A 442 0.88 29.43 10.10
C PRO A 442 2.15 30.25 10.29
N TRP A 443 3.22 29.65 10.81
CA TRP A 443 4.49 30.33 11.12
C TRP A 443 5.53 30.27 10.04
N LYS B 30 8.26 17.80 -14.10
CA LYS B 30 9.05 17.99 -12.86
C LYS B 30 9.57 16.66 -12.37
N PHE B 31 10.79 16.67 -11.87
CA PHE B 31 11.36 15.49 -11.25
C PHE B 31 10.83 15.34 -9.83
N PRO B 32 10.30 14.17 -9.50
CA PRO B 32 9.73 13.95 -8.18
C PRO B 32 10.75 14.01 -7.04
N ARG B 33 10.38 14.70 -5.96
CA ARG B 33 11.06 14.69 -4.70
C ARG B 33 10.52 13.46 -3.93
N VAL B 34 11.41 12.66 -3.37
CA VAL B 34 11.04 11.38 -2.77
C VAL B 34 11.57 11.44 -1.34
N LYS B 35 10.67 11.39 -0.35
CA LYS B 35 11.09 11.50 1.06
C LYS B 35 11.01 10.19 1.85
N ASN B 36 11.98 9.95 2.73
CA ASN B 36 11.86 8.94 3.77
C ASN B 36 11.38 9.59 5.10
N TRP B 37 10.23 9.15 5.58
CA TRP B 37 9.61 9.82 6.73
C TRP B 37 10.16 9.40 8.08
N GLU B 38 10.87 8.27 8.12
CA GLU B 38 11.44 7.79 9.37
C GLU B 38 12.76 8.56 9.64
N LEU B 39 13.51 8.81 8.57
CA LEU B 39 14.82 9.42 8.69
C LEU B 39 14.82 10.88 8.25
N GLY B 40 13.76 11.34 7.61
CA GLY B 40 13.72 12.73 7.12
C GLY B 40 14.57 13.03 5.89
N SER B 41 15.12 12.00 5.25
CA SER B 41 15.98 12.24 4.08
C SER B 41 15.17 12.33 2.78
N ILE B 42 15.71 13.10 1.84
CA ILE B 42 15.04 13.38 0.59
C ILE B 42 15.96 13.07 -0.59
N THR B 43 15.43 12.43 -1.62
CA THR B 43 16.17 12.26 -2.88
C THR B 43 15.31 12.79 -4.02
N TYR B 44 15.90 12.82 -5.21
CA TYR B 44 15.20 13.24 -6.42
C TYR B 44 15.31 12.14 -7.42
N ASP B 45 14.20 11.76 -8.01
CA ASP B 45 14.24 10.73 -9.00
C ASP B 45 14.28 11.31 -10.42
N THR B 46 15.40 11.04 -11.09
CA THR B 46 15.62 11.50 -12.45
C THR B 46 15.73 10.30 -13.40
N LEU B 47 15.78 9.10 -12.85
CA LEU B 47 15.72 7.88 -13.65
C LEU B 47 14.41 7.82 -14.40
N CYS B 48 13.31 8.29 -13.79
CA CYS B 48 12.00 8.14 -14.43
C CYS B 48 11.94 8.81 -15.79
N ALA B 49 12.72 9.87 -16.00
CA ALA B 49 12.79 10.51 -17.32
C ALA B 49 13.14 9.46 -18.42
N GLN B 50 13.80 8.38 -18.04
CA GLN B 50 14.16 7.30 -18.98
C GLN B 50 13.01 6.35 -19.30
N SER B 51 11.81 6.61 -18.75
CA SER B 51 10.64 5.83 -19.09
C SER B 51 10.09 6.16 -20.47
N GLN B 52 9.77 5.12 -21.23
CA GLN B 52 9.18 5.26 -22.58
C GLN B 52 7.76 4.67 -22.63
N GLN B 53 7.45 3.85 -21.62
CA GLN B 53 6.16 3.16 -21.53
C GLN B 53 5.28 3.72 -20.40
N ASP B 54 4.06 4.08 -20.76
CA ASP B 54 3.08 4.65 -19.86
C ASP B 54 2.45 3.64 -18.92
N GLY B 55 2.31 4.02 -17.66
CA GLY B 55 1.55 3.22 -16.68
C GLY B 55 0.10 3.69 -16.72
N PRO B 56 -0.72 3.23 -15.76
CA PRO B 56 -2.18 3.40 -15.78
C PRO B 56 -2.71 4.71 -15.17
N CYS B 57 -1.83 5.49 -14.53
CA CYS B 57 -2.30 6.68 -13.80
C CYS B 57 -2.40 7.86 -14.70
N THR B 58 -3.25 8.80 -14.34
CA THR B 58 -3.29 10.12 -14.97
C THR B 58 -3.39 11.19 -13.87
N PRO B 59 -3.18 12.47 -14.23
CA PRO B 59 -3.36 13.52 -13.22
C PRO B 59 -4.75 13.48 -12.53
N ARG B 60 -5.80 13.10 -13.26
CA ARG B 60 -7.17 13.03 -12.71
C ARG B 60 -7.39 11.87 -11.70
N ARG B 61 -6.79 10.71 -11.94
CA ARG B 61 -6.91 9.57 -11.01
C ARG B 61 -5.71 8.64 -11.01
N CYS B 62 -5.40 8.13 -9.82
CA CYS B 62 -4.32 7.19 -9.59
C CYS B 62 -4.83 5.75 -9.60
N LEU B 63 -4.14 4.91 -10.37
CA LEU B 63 -4.52 3.54 -10.55
C LEU B 63 -3.40 2.60 -10.07
N GLY B 64 -2.52 3.11 -9.23
CA GLY B 64 -1.34 2.36 -8.80
C GLY B 64 -1.70 1.09 -8.01
N SER B 65 -2.91 0.99 -7.45
CA SER B 65 -3.26 -0.23 -6.71
C SER B 65 -3.77 -1.39 -7.58
N LEU B 66 -3.94 -1.15 -8.88
CA LEU B 66 -4.43 -2.22 -9.72
C LEU B 66 -3.35 -3.26 -10.00
N VAL B 67 -3.74 -4.54 -9.92
CA VAL B 67 -2.82 -5.65 -10.16
C VAL B 67 -2.42 -5.75 -11.64
N LEU B 68 -3.37 -5.57 -12.54
CA LEU B 68 -3.11 -5.74 -13.97
C LEU B 68 -3.12 -4.39 -14.71
N PRO B 69 -2.19 -4.22 -15.67
CA PRO B 69 -2.16 -2.92 -16.39
C PRO B 69 -3.49 -2.66 -17.07
N ARG B 70 -4.10 -1.54 -16.70
CA ARG B 70 -5.47 -1.16 -17.13
C ARG B 70 -5.77 -1.57 -18.59
N LYS B 71 -4.93 -1.12 -19.51
CA LYS B 71 -4.94 -1.61 -20.88
C LYS B 71 -4.21 -2.95 -20.89
N PRO B 82 5.83 -1.53 -35.91
CA PRO B 82 6.60 -1.13 -37.11
C PRO B 82 8.11 -1.07 -36.85
N ALA B 83 8.89 -1.14 -37.94
CA ALA B 83 10.36 -1.25 -37.88
C ALA B 83 11.05 -0.08 -37.20
N GLU B 84 10.55 1.13 -37.44
CA GLU B 84 11.12 2.33 -36.83
C GLU B 84 11.02 2.24 -35.31
N GLN B 85 9.88 1.75 -34.83
CA GLN B 85 9.66 1.60 -33.40
C GLN B 85 10.58 0.51 -32.82
N LEU B 86 10.69 -0.64 -33.50
CA LEU B 86 11.64 -1.68 -33.08
C LEU B 86 13.07 -1.15 -33.11
N LEU B 87 13.41 -0.43 -34.17
CA LEU B 87 14.76 0.10 -34.37
C LEU B 87 15.28 0.97 -33.24
N SER B 88 14.45 1.89 -32.73
CA SER B 88 14.88 2.75 -31.64
C SER B 88 14.96 2.01 -30.28
N GLN B 89 14.05 1.07 -30.05
CA GLN B 89 14.14 0.20 -28.87
C GLN B 89 15.44 -0.60 -28.90
N ALA B 90 15.70 -1.23 -30.04
CA ALA B 90 16.93 -1.99 -30.25
C ALA B 90 18.18 -1.12 -30.05
N ARG B 91 18.23 0.04 -30.71
CA ARG B 91 19.37 0.93 -30.58
C ARG B 91 19.57 1.41 -29.16
N ASP B 92 18.49 1.80 -28.50
CA ASP B 92 18.58 2.24 -27.12
C ASP B 92 19.09 1.10 -26.21
N PHE B 93 18.65 -0.13 -26.48
CA PHE B 93 19.13 -1.24 -25.64
C PHE B 93 20.60 -1.55 -25.93
N ILE B 94 21.00 -1.48 -27.19
CA ILE B 94 22.40 -1.66 -27.54
C ILE B 94 23.25 -0.56 -26.85
N ASN B 95 22.72 0.67 -26.83
CA ASN B 95 23.41 1.76 -26.12
C ASN B 95 23.52 1.48 -24.62
N GLN B 96 22.44 0.99 -24.04
CA GLN B 96 22.47 0.56 -22.64
C GLN B 96 23.58 -0.47 -22.41
N TYR B 97 23.72 -1.42 -23.33
CA TYR B 97 24.67 -2.52 -23.15
C TYR B 97 26.13 -2.07 -23.22
N TYR B 98 26.48 -1.31 -24.27
CA TYR B 98 27.85 -0.82 -24.39
C TYR B 98 28.22 0.24 -23.37
N SER B 99 27.23 0.96 -22.88
CA SER B 99 27.47 1.86 -21.78
C SER B 99 27.82 1.05 -20.52
N SER B 100 27.07 -0.02 -20.26
CA SER B 100 27.28 -0.89 -19.10
C SER B 100 28.70 -1.46 -19.01
N ILE B 101 29.28 -1.78 -20.15
CA ILE B 101 30.62 -2.37 -20.21
C ILE B 101 31.67 -1.30 -20.52
N LYS B 102 31.29 -0.03 -20.41
CA LYS B 102 32.17 1.14 -20.62
C LYS B 102 32.65 1.35 -22.04
N ARG B 103 32.24 0.50 -22.99
CA ARG B 103 32.71 0.60 -24.38
C ARG B 103 31.80 1.49 -25.27
N SER B 104 31.09 2.41 -24.61
CA SER B 104 30.14 3.32 -25.24
C SER B 104 30.82 4.30 -26.24
N GLY B 105 30.83 3.92 -27.51
CA GLY B 105 31.43 4.74 -28.57
C GLY B 105 32.47 3.98 -29.37
N SER B 106 32.81 2.78 -28.91
CA SER B 106 33.82 1.95 -29.55
C SER B 106 33.41 1.44 -30.93
N GLN B 107 34.39 0.92 -31.65
CA GLN B 107 34.14 0.25 -32.93
C GLN B 107 33.18 -0.91 -32.75
N ALA B 108 33.34 -1.67 -31.67
CA ALA B 108 32.43 -2.78 -31.37
C ALA B 108 30.99 -2.26 -31.27
N HIS B 109 30.81 -1.15 -30.57
CA HIS B 109 29.52 -0.47 -30.42
C HIS B 109 28.90 0.01 -31.72
N GLU B 110 29.66 0.77 -32.51
CA GLU B 110 29.14 1.28 -33.78
C GLU B 110 28.79 0.17 -34.79
N GLU B 111 29.65 -0.85 -34.85
CA GLU B 111 29.42 -1.99 -35.74
C GLU B 111 28.25 -2.86 -35.29
N ARG B 112 27.99 -2.93 -33.99
CA ARG B 112 26.87 -3.72 -33.51
C ARG B 112 25.53 -3.04 -33.84
N LEU B 113 25.52 -1.70 -33.78
CA LEU B 113 24.35 -0.90 -34.17
C LEU B 113 24.05 -1.09 -35.67
N GLN B 114 25.10 -1.11 -36.49
CA GLN B 114 24.91 -1.37 -37.93
C GLN B 114 24.33 -2.76 -38.17
N GLU B 115 24.85 -3.77 -37.48
CA GLU B 115 24.32 -5.13 -37.56
C GLU B 115 22.82 -5.19 -37.24
N VAL B 116 22.46 -4.62 -36.08
CA VAL B 116 21.07 -4.57 -35.65
C VAL B 116 20.19 -3.87 -36.70
N GLU B 117 20.64 -2.69 -37.14
CA GLU B 117 19.92 -1.93 -38.16
C GLU B 117 19.76 -2.75 -39.46
N ALA B 118 20.85 -3.32 -39.96
CA ALA B 118 20.79 -4.15 -41.17
C ALA B 118 19.76 -5.28 -41.00
N GLU B 119 19.81 -5.97 -39.87
CA GLU B 119 18.92 -7.10 -39.67
C GLU B 119 17.44 -6.68 -39.62
N VAL B 120 17.15 -5.64 -38.84
CA VAL B 120 15.78 -5.13 -38.78
C VAL B 120 15.24 -4.68 -40.13
N ALA B 121 16.01 -3.91 -40.89
CA ALA B 121 15.58 -3.38 -42.17
C ALA B 121 15.31 -4.49 -43.18
N SER B 122 16.04 -5.59 -43.06
CA SER B 122 15.91 -6.66 -44.03
C SER B 122 14.78 -7.60 -43.64
N THR B 123 14.68 -7.88 -42.35
CA THR B 123 13.90 -9.03 -41.88
C THR B 123 12.76 -8.65 -40.93
N GLY B 124 12.70 -7.38 -40.52
CA GLY B 124 11.73 -6.90 -39.51
C GLY B 124 11.99 -7.34 -38.08
N THR B 125 13.13 -7.98 -37.83
CA THR B 125 13.48 -8.44 -36.48
C THR B 125 15.01 -8.50 -36.39
N TYR B 126 15.52 -8.88 -35.21
CA TYR B 126 16.95 -9.11 -35.03
C TYR B 126 17.16 -10.10 -33.90
N HIS B 127 18.42 -10.37 -33.58
CA HIS B 127 18.71 -11.35 -32.53
C HIS B 127 19.74 -10.82 -31.60
N LEU B 128 19.71 -11.29 -30.36
CA LEU B 128 20.68 -10.84 -29.37
C LEU B 128 21.86 -11.80 -29.28
N ARG B 129 23.06 -11.24 -29.09
CA ARG B 129 24.21 -11.98 -28.56
C ARG B 129 23.90 -12.47 -27.14
N GLU B 130 24.48 -13.61 -26.76
CA GLU B 130 24.27 -14.18 -25.44
C GLU B 130 24.60 -13.18 -24.32
N SER B 131 25.70 -12.43 -24.49
CA SER B 131 26.12 -11.45 -23.49
C SER B 131 25.10 -10.32 -23.33
N GLU B 132 24.46 -9.93 -24.43
CA GLU B 132 23.40 -8.92 -24.41
C GLU B 132 22.17 -9.51 -23.70
N LEU B 133 21.87 -10.77 -23.99
CA LEU B 133 20.77 -11.44 -23.32
C LEU B 133 21.00 -11.43 -21.80
N VAL B 134 22.21 -11.81 -21.36
CA VAL B 134 22.53 -11.84 -19.93
C VAL B 134 22.39 -10.44 -19.32
N PHE B 135 22.95 -9.42 -19.98
CA PHE B 135 22.78 -8.02 -19.55
C PHE B 135 21.30 -7.61 -19.46
N GLY B 136 20.52 -7.92 -20.49
CA GLY B 136 19.09 -7.61 -20.50
C GLY B 136 18.25 -8.33 -19.46
N ALA B 137 18.56 -9.59 -19.17
CA ALA B 137 17.78 -10.30 -18.15
C ALA B 137 17.98 -9.73 -16.73
N LYS B 138 19.24 -9.47 -16.37
CA LYS B 138 19.56 -8.81 -15.10
C LYS B 138 18.93 -7.43 -14.99
N GLN B 139 18.92 -6.71 -16.09
CA GLN B 139 18.39 -5.35 -16.13
C GLN B 139 16.87 -5.35 -15.97
N ALA B 140 16.21 -6.35 -16.55
CA ALA B 140 14.78 -6.53 -16.40
C ALA B 140 14.40 -6.83 -14.95
N TRP B 141 15.21 -7.64 -14.29
CA TRP B 141 15.02 -7.88 -12.86
C TRP B 141 15.23 -6.62 -12.07
N ARG B 142 16.34 -5.93 -12.39
CA ARG B 142 16.69 -4.70 -11.75
C ARG B 142 15.55 -3.67 -11.87
N ASN B 143 14.89 -3.68 -13.01
CA ASN B 143 13.89 -2.69 -13.32
C ASN B 143 12.49 -3.05 -12.78
N ALA B 144 12.31 -4.27 -12.26
CA ALA B 144 11.03 -4.82 -11.83
C ALA B 144 10.47 -4.15 -10.54
N PRO B 145 9.45 -3.30 -10.68
CA PRO B 145 9.04 -2.45 -9.55
C PRO B 145 8.41 -3.18 -8.37
N ARG B 146 7.93 -4.39 -8.63
CA ARG B 146 7.23 -5.20 -7.65
C ARG B 146 8.14 -6.16 -6.89
N CYS B 147 9.42 -6.14 -7.20
CA CYS B 147 10.34 -7.08 -6.57
C CYS B 147 11.15 -6.44 -5.42
N VAL B 148 10.97 -6.96 -4.21
CA VAL B 148 11.65 -6.47 -3.01
C VAL B 148 13.01 -7.12 -2.88
N GLY B 149 13.27 -8.15 -3.70
CA GLY B 149 14.56 -8.82 -3.67
C GLY B 149 15.67 -8.30 -4.59
N ARG B 150 15.52 -7.07 -5.09
CA ARG B 150 16.43 -6.56 -6.11
C ARG B 150 17.87 -6.24 -5.71
N ILE B 151 18.20 -6.36 -4.42
CA ILE B 151 19.60 -6.20 -3.95
C ILE B 151 20.47 -7.23 -4.63
N GLN B 152 19.89 -8.39 -4.91
CA GLN B 152 20.53 -9.55 -5.52
C GLN B 152 20.65 -9.47 -7.05
N TRP B 153 20.19 -8.36 -7.65
CA TRP B 153 19.94 -8.33 -9.10
C TRP B 153 21.14 -8.68 -9.96
N GLY B 154 22.35 -8.38 -9.47
CA GLY B 154 23.57 -8.63 -10.22
C GLY B 154 23.97 -10.10 -10.23
N LYS B 155 23.29 -10.90 -9.42
CA LYS B 155 23.66 -12.31 -9.24
C LYS B 155 22.51 -13.13 -9.79
N LEU B 156 22.65 -13.52 -11.06
CA LEU B 156 21.58 -14.20 -11.77
C LEU B 156 22.21 -15.09 -12.81
N GLN B 157 21.99 -16.39 -12.65
CA GLN B 157 22.42 -17.35 -13.66
C GLN B 157 21.46 -17.36 -14.87
N VAL B 158 21.98 -17.02 -16.05
CA VAL B 158 21.19 -17.03 -17.27
C VAL B 158 21.39 -18.26 -18.15
N PHE B 159 20.35 -19.10 -18.30
CA PHE B 159 20.44 -20.22 -19.25
C PHE B 159 19.84 -19.78 -20.57
N ASP B 160 20.66 -19.86 -21.61
CA ASP B 160 20.27 -19.56 -22.97
C ASP B 160 19.60 -20.80 -23.53
N ALA B 161 18.28 -20.78 -23.68
CA ALA B 161 17.57 -21.94 -24.20
C ALA B 161 16.98 -21.59 -25.56
N ARG B 162 17.63 -20.68 -26.27
CA ARG B 162 17.10 -20.18 -27.52
C ARG B 162 17.29 -21.18 -28.66
N ASP B 163 18.14 -22.18 -28.45
CA ASP B 163 18.18 -23.30 -29.39
C ASP B 163 17.30 -24.43 -28.85
N CYS B 164 16.02 -24.12 -28.76
CA CYS B 164 15.03 -25.06 -28.27
C CYS B 164 13.99 -25.20 -29.38
N SER B 165 13.62 -26.42 -29.75
CA SER B 165 12.65 -26.54 -30.83
C SER B 165 11.45 -27.44 -30.58
N SER B 166 11.29 -27.91 -29.35
CA SER B 166 10.15 -28.75 -29.01
C SER B 166 9.80 -28.66 -27.53
N ALA B 167 8.58 -29.07 -27.19
CA ALA B 167 8.12 -29.12 -25.80
C ALA B 167 9.03 -30.06 -25.00
N GLN B 168 9.43 -31.17 -25.63
CA GLN B 168 10.37 -32.13 -25.04
C GLN B 168 11.67 -31.46 -24.62
N GLU B 169 12.22 -30.62 -25.51
CA GLU B 169 13.45 -29.87 -25.22
C GLU B 169 13.25 -28.80 -24.15
N MET B 170 12.10 -28.13 -24.13
CA MET B 170 11.76 -27.22 -23.03
C MET B 170 11.75 -27.93 -21.68
N PHE B 171 11.14 -29.12 -21.62
CA PHE B 171 11.14 -29.88 -20.39
C PHE B 171 12.54 -30.17 -19.88
N THR B 172 13.43 -30.59 -20.78
CA THR B 172 14.85 -30.80 -20.43
C THR B 172 15.50 -29.55 -19.89
N TYR B 173 15.30 -28.41 -20.54
CA TYR B 173 15.86 -27.16 -20.01
C TYR B 173 15.31 -26.79 -18.63
N ILE B 174 14.00 -26.91 -18.46
CA ILE B 174 13.33 -26.61 -17.18
C ILE B 174 13.82 -27.51 -16.05
N CYS B 175 14.00 -28.80 -16.34
CA CYS B 175 14.59 -29.72 -15.35
C CYS B 175 15.99 -29.29 -14.91
N ASN B 176 16.82 -28.90 -15.88
CA ASN B 176 18.15 -28.36 -15.58
C ASN B 176 18.10 -27.09 -14.70
N HIS B 177 17.18 -26.19 -15.01
CA HIS B 177 16.94 -24.95 -14.26
C HIS B 177 16.63 -25.25 -12.83
N ILE B 178 15.69 -26.18 -12.62
CA ILE B 178 15.18 -26.54 -11.29
C ILE B 178 16.30 -27.15 -10.46
N LYS B 179 16.99 -28.13 -11.03
CA LYS B 179 18.14 -28.76 -10.38
C LYS B 179 19.23 -27.73 -10.05
N TYR B 180 19.61 -26.90 -11.01
CA TYR B 180 20.57 -25.85 -10.72
C TYR B 180 20.09 -24.82 -9.64
N ALA B 181 18.86 -24.30 -9.79
CA ALA B 181 18.37 -23.25 -8.89
C ALA B 181 18.12 -23.72 -7.46
N THR B 182 17.67 -24.98 -7.37
CA THR B 182 17.36 -25.66 -6.11
C THR B 182 18.64 -25.97 -5.34
N ASN B 183 19.58 -26.68 -5.97
CA ASN B 183 20.92 -26.87 -5.43
C ASN B 183 20.89 -27.45 -3.99
N ARG B 184 20.04 -28.47 -3.80
CA ARG B 184 19.76 -29.07 -2.48
C ARG B 184 19.44 -28.12 -1.29
N GLY B 185 18.69 -27.05 -1.56
CA GLY B 185 18.27 -26.12 -0.51
C GLY B 185 19.05 -24.82 -0.50
N ASN B 186 20.21 -24.81 -1.17
CA ASN B 186 21.01 -23.61 -1.20
C ASN B 186 20.70 -22.87 -2.48
N LEU B 187 19.57 -22.17 -2.46
CA LEU B 187 18.96 -21.68 -3.68
C LEU B 187 19.80 -20.63 -4.41
N ARG B 188 19.74 -20.66 -5.72
CA ARG B 188 20.51 -19.75 -6.57
C ARG B 188 19.53 -19.16 -7.57
N SER B 189 19.50 -17.83 -7.67
CA SER B 189 18.66 -17.17 -8.68
C SER B 189 19.02 -17.59 -10.10
N ALA B 190 17.99 -17.84 -10.92
CA ALA B 190 18.23 -18.29 -12.29
C ALA B 190 17.09 -17.89 -13.21
N ILE B 191 17.42 -17.79 -14.50
CA ILE B 191 16.43 -17.62 -15.53
C ILE B 191 16.82 -18.49 -16.71
N THR B 192 15.82 -19.06 -17.36
CA THR B 192 16.01 -19.77 -18.61
C THR B 192 15.22 -19.03 -19.69
N VAL B 193 15.86 -18.73 -20.82
CA VAL B 193 15.26 -17.90 -21.85
C VAL B 193 15.03 -18.73 -23.11
N PHE B 194 13.75 -18.99 -23.40
CA PHE B 194 13.40 -19.76 -24.58
C PHE B 194 13.26 -18.81 -25.76
N PRO B 195 13.06 -19.35 -26.98
CA PRO B 195 13.15 -18.55 -28.20
C PRO B 195 12.13 -17.44 -28.27
N GLN B 196 12.54 -16.32 -28.84
CA GLN B 196 11.76 -15.11 -28.85
C GLN B 196 10.52 -15.29 -29.73
N ARG B 197 9.51 -14.44 -29.54
CA ARG B 197 8.39 -14.37 -30.47
C ARG B 197 8.82 -13.96 -31.86
N ALA B 198 8.12 -14.50 -32.85
CA ALA B 198 8.40 -14.20 -34.26
C ALA B 198 7.07 -13.89 -34.94
N PRO B 199 7.04 -12.84 -35.80
CA PRO B 199 5.86 -12.36 -36.55
C PRO B 199 5.04 -13.50 -37.15
N GLY B 200 5.72 -14.50 -37.68
CA GLY B 200 5.07 -15.68 -38.27
C GLY B 200 4.16 -16.45 -37.31
N ARG B 201 4.73 -16.96 -36.21
CA ARG B 201 4.11 -18.10 -35.54
C ARG B 201 3.68 -17.94 -34.11
N GLY B 202 3.04 -18.98 -33.60
CA GLY B 202 2.69 -19.05 -32.19
C GLY B 202 3.91 -18.96 -31.31
N ASP B 203 3.67 -18.66 -30.05
CA ASP B 203 4.71 -18.49 -29.06
C ASP B 203 5.09 -19.82 -28.42
N PHE B 204 6.34 -19.93 -27.98
CA PHE B 204 6.72 -20.87 -26.94
C PHE B 204 6.06 -20.33 -25.65
N ARG B 205 5.42 -21.23 -24.89
CA ARG B 205 4.78 -20.84 -23.62
C ARG B 205 4.87 -22.00 -22.65
N ILE B 206 5.06 -21.66 -21.39
CA ILE B 206 4.77 -22.59 -20.32
C ILE B 206 3.41 -22.15 -19.78
N TRP B 207 2.44 -23.06 -19.77
CA TRP B 207 1.08 -22.69 -19.39
C TRP B 207 0.94 -22.42 -17.92
N ASN B 208 1.67 -23.18 -17.11
CA ASN B 208 1.62 -23.03 -15.66
C ASN B 208 2.13 -21.66 -15.26
N SER B 209 1.57 -21.08 -14.19
CA SER B 209 1.99 -19.76 -13.74
C SER B 209 3.32 -19.87 -12.99
N GLN B 210 3.54 -21.02 -12.34
CA GLN B 210 4.84 -21.31 -11.72
C GLN B 210 5.34 -22.70 -12.13
N LEU B 211 6.64 -22.96 -12.02
CA LEU B 211 7.12 -24.29 -12.33
C LEU B 211 6.64 -25.27 -11.27
N VAL B 212 6.43 -24.79 -10.04
CA VAL B 212 5.86 -25.63 -9.01
C VAL B 212 4.52 -25.03 -8.57
N ARG B 213 3.45 -25.82 -8.71
CA ARG B 213 2.09 -25.41 -8.37
C ARG B 213 1.38 -26.63 -7.78
N TYR B 214 0.60 -26.44 -6.72
CA TYR B 214 -0.23 -27.51 -6.16
C TYR B 214 -1.64 -27.48 -6.74
N ALA B 215 -2.19 -28.68 -6.98
CA ALA B 215 -3.46 -28.80 -7.65
C ALA B 215 -4.52 -28.19 -6.76
N GLY B 216 -5.57 -27.68 -7.40
CA GLY B 216 -6.80 -27.32 -6.74
C GLY B 216 -7.91 -28.04 -7.50
N TYR B 217 -8.59 -28.96 -6.81
CA TYR B 217 -9.71 -29.73 -7.31
C TYR B 217 -11.08 -29.17 -6.88
N ARG B 218 -11.87 -28.64 -7.82
CA ARG B 218 -13.21 -28.12 -7.50
C ARG B 218 -14.22 -29.24 -7.22
N GLN B 219 -14.97 -29.10 -6.13
CA GLN B 219 -16.03 -30.05 -5.75
C GLN B 219 -17.36 -29.63 -6.40
N GLN B 220 -18.28 -30.57 -6.61
CA GLN B 220 -19.53 -30.24 -7.28
C GLN B 220 -20.47 -29.35 -6.42
N ASP B 221 -19.89 -28.77 -5.37
CA ASP B 221 -20.56 -27.75 -4.57
C ASP B 221 -19.74 -26.45 -4.59
N GLY B 222 -18.88 -26.31 -5.60
CA GLY B 222 -18.07 -25.10 -5.80
C GLY B 222 -16.77 -25.02 -5.01
N SER B 223 -16.80 -25.47 -3.74
CA SER B 223 -15.63 -25.50 -2.86
C SER B 223 -14.42 -26.26 -3.45
N VAL B 224 -13.23 -26.03 -2.88
CA VAL B 224 -11.96 -26.50 -3.46
C VAL B 224 -11.09 -27.30 -2.50
N ARG B 225 -10.48 -28.38 -2.98
CA ARG B 225 -9.45 -29.10 -2.24
C ARG B 225 -8.08 -28.80 -2.86
N GLY B 226 -7.13 -28.35 -2.05
CA GLY B 226 -5.84 -27.98 -2.58
C GLY B 226 -5.79 -26.47 -2.72
N ASP B 227 -4.99 -26.01 -3.69
CA ASP B 227 -4.77 -24.57 -3.85
C ASP B 227 -5.79 -23.94 -4.80
N PRO B 228 -6.72 -23.12 -4.26
CA PRO B 228 -7.75 -22.52 -5.11
C PRO B 228 -7.20 -21.68 -6.27
N ALA B 229 -5.98 -21.18 -6.14
CA ALA B 229 -5.36 -20.36 -7.20
C ALA B 229 -5.12 -21.20 -8.47
N ASN B 230 -5.16 -22.51 -8.34
CA ASN B 230 -4.70 -23.39 -9.42
C ASN B 230 -5.82 -24.24 -9.98
N VAL B 231 -7.07 -23.90 -9.65
CA VAL B 231 -8.22 -24.68 -10.14
C VAL B 231 -8.16 -24.85 -11.67
N GLU B 232 -8.00 -23.72 -12.37
CA GLU B 232 -8.06 -23.65 -13.81
C GLU B 232 -6.90 -24.39 -14.48
N ILE B 233 -5.67 -24.21 -13.98
CA ILE B 233 -4.54 -24.97 -14.51
C ILE B 233 -4.68 -26.47 -14.20
N THR B 234 -5.25 -26.80 -13.05
CA THR B 234 -5.50 -28.21 -12.71
C THR B 234 -6.45 -28.86 -13.74
N GLU B 235 -7.57 -28.20 -14.05
CA GLU B 235 -8.53 -28.75 -15.01
C GLU B 235 -7.89 -28.93 -16.39
N LEU B 236 -7.13 -27.92 -16.82
CA LEU B 236 -6.41 -27.98 -18.10
C LEU B 236 -5.51 -29.20 -18.13
N CYS B 237 -4.80 -29.47 -17.04
CA CYS B 237 -3.97 -30.67 -16.96
C CYS B 237 -4.79 -31.94 -17.10
N ILE B 238 -5.81 -32.10 -16.26
CA ILE B 238 -6.63 -33.33 -16.31
C ILE B 238 -7.11 -33.53 -17.74
N GLN B 239 -7.55 -32.42 -18.35
CA GLN B 239 -8.17 -32.42 -19.67
C GLN B 239 -7.18 -32.74 -20.80
N HIS B 240 -5.92 -32.37 -20.63
CA HIS B 240 -4.87 -32.80 -21.55
C HIS B 240 -4.29 -34.12 -21.13
N GLY B 241 -5.03 -34.86 -20.29
CA GLY B 241 -4.70 -36.26 -20.00
C GLY B 241 -4.05 -36.63 -18.69
N TRP B 242 -3.80 -35.68 -17.78
CA TRP B 242 -3.14 -36.00 -16.50
C TRP B 242 -4.02 -36.79 -15.57
N THR B 243 -3.47 -37.80 -14.90
CA THR B 243 -4.19 -38.53 -13.85
C THR B 243 -4.06 -37.77 -12.53
N PRO B 244 -5.19 -37.24 -12.00
CA PRO B 244 -5.06 -36.42 -10.78
C PRO B 244 -4.97 -37.23 -9.49
N GLY B 245 -4.42 -36.61 -8.45
CA GLY B 245 -4.51 -37.15 -7.11
C GLY B 245 -5.76 -36.58 -6.44
N ASN B 246 -5.79 -36.65 -5.11
CA ASN B 246 -6.92 -36.12 -4.38
C ASN B 246 -6.47 -35.48 -3.08
N GLY B 247 -5.18 -35.20 -3.00
CA GLY B 247 -4.60 -34.58 -1.82
C GLY B 247 -4.58 -33.06 -1.91
N ARG B 248 -4.09 -32.44 -0.85
CA ARG B 248 -4.12 -31.01 -0.68
C ARG B 248 -2.88 -30.36 -1.29
N PHE B 249 -1.84 -31.18 -1.52
CA PHE B 249 -0.53 -30.68 -2.02
C PHE B 249 0.03 -31.55 -3.17
N ASP B 250 -0.84 -31.99 -4.08
CA ASP B 250 -0.36 -32.74 -5.25
C ASP B 250 0.33 -31.77 -6.22
N VAL B 251 1.59 -32.02 -6.56
CA VAL B 251 2.34 -31.16 -7.49
C VAL B 251 1.78 -31.34 -8.89
N LEU B 252 1.48 -30.24 -9.57
CA LEU B 252 0.96 -30.32 -10.93
C LEU B 252 2.08 -30.71 -11.93
N PRO B 253 1.70 -31.36 -13.06
CA PRO B 253 2.67 -31.52 -14.13
C PRO B 253 2.76 -30.20 -14.90
N LEU B 254 3.71 -30.11 -15.81
CA LEU B 254 3.83 -28.92 -16.67
C LEU B 254 3.11 -29.13 -18.00
N LEU B 255 2.38 -28.10 -18.43
CA LEU B 255 1.89 -28.03 -19.78
C LEU B 255 2.83 -27.13 -20.55
N LEU B 256 3.61 -27.72 -21.46
CA LEU B 256 4.57 -26.96 -22.25
C LEU B 256 4.16 -26.90 -23.72
N GLN B 257 4.27 -25.72 -24.31
CA GLN B 257 3.82 -25.50 -25.67
C GLN B 257 4.91 -24.92 -26.59
N ALA B 258 5.22 -25.69 -27.65
CA ALA B 258 6.05 -25.27 -28.79
C ALA B 258 5.12 -24.59 -29.79
N PRO B 259 5.65 -23.68 -30.64
CA PRO B 259 4.82 -22.83 -31.52
C PRO B 259 3.75 -23.59 -32.31
N ASP B 260 2.51 -23.08 -32.25
CA ASP B 260 1.39 -23.63 -33.01
C ASP B 260 1.13 -25.11 -32.79
N GLU B 261 1.64 -25.65 -31.68
CA GLU B 261 1.35 -27.03 -31.32
C GLU B 261 0.45 -27.01 -30.09
N ALA B 262 -0.35 -28.06 -29.95
CA ALA B 262 -0.98 -28.40 -28.68
C ALA B 262 0.10 -28.46 -27.60
N PRO B 263 -0.23 -28.01 -26.37
CA PRO B 263 0.73 -28.16 -25.27
C PRO B 263 0.92 -29.62 -24.88
N GLU B 264 2.08 -29.97 -24.32
CA GLU B 264 2.30 -31.34 -23.89
C GLU B 264 2.47 -31.41 -22.39
N LEU B 265 2.12 -32.57 -21.83
CA LEU B 265 2.15 -32.78 -20.40
C LEU B 265 3.49 -33.42 -20.03
N PHE B 266 4.09 -32.94 -18.95
CA PHE B 266 5.35 -33.47 -18.45
C PHE B 266 5.28 -33.49 -16.93
N VAL B 267 5.36 -34.69 -16.34
CA VAL B 267 5.41 -34.83 -14.88
C VAL B 267 6.82 -34.46 -14.40
N LEU B 268 6.92 -33.62 -13.37
CA LEU B 268 8.25 -33.30 -12.82
C LEU B 268 8.70 -34.47 -11.96
N PRO B 269 9.96 -34.90 -12.12
CA PRO B 269 10.42 -36.02 -11.30
C PRO B 269 10.43 -35.60 -9.83
N PRO B 270 9.75 -36.38 -8.96
CA PRO B 270 9.55 -36.04 -7.55
C PRO B 270 10.81 -35.54 -6.86
N GLU B 271 11.95 -36.16 -7.15
CA GLU B 271 13.21 -35.82 -6.49
C GLU B 271 13.72 -34.44 -6.89
N LEU B 272 13.15 -33.87 -7.94
CA LEU B 272 13.58 -32.55 -8.40
C LEU B 272 12.83 -31.46 -7.68
N VAL B 273 11.70 -31.80 -7.07
CA VAL B 273 10.86 -30.78 -6.41
C VAL B 273 11.07 -30.85 -4.90
N LEU B 274 11.91 -29.95 -4.40
CA LEU B 274 12.19 -29.95 -2.99
C LEU B 274 11.03 -29.26 -2.23
N GLU B 275 10.47 -29.96 -1.24
CA GLU B 275 9.40 -29.44 -0.42
C GLU B 275 9.84 -29.36 1.03
N VAL B 276 9.24 -28.47 1.82
CA VAL B 276 9.57 -28.31 3.24
C VAL B 276 8.29 -28.59 4.06
N PRO B 277 8.28 -29.67 4.87
CA PRO B 277 7.15 -29.94 5.79
C PRO B 277 7.11 -28.85 6.84
N LEU B 278 5.93 -28.36 7.17
CA LEU B 278 5.86 -27.25 8.08
C LEU B 278 5.60 -27.71 9.49
N GLU B 279 6.53 -27.35 10.37
CA GLU B 279 6.33 -27.52 11.81
C GLU B 279 6.59 -26.20 12.54
N HIS B 280 6.20 -26.15 13.81
CA HIS B 280 6.34 -24.94 14.62
C HIS B 280 7.34 -25.25 15.69
N PRO B 281 8.19 -24.28 16.07
CA PRO B 281 9.21 -24.57 17.10
C PRO B 281 8.63 -24.98 18.44
N THR B 282 7.52 -24.38 18.87
CA THR B 282 6.99 -24.71 20.18
C THR B 282 5.64 -25.42 20.19
N LEU B 283 4.76 -25.10 19.23
CA LEU B 283 3.43 -25.72 19.17
C LEU B 283 3.46 -27.12 18.51
N GLU B 284 3.54 -28.16 19.34
CA GLU B 284 3.64 -29.55 18.85
C GLU B 284 2.58 -29.93 17.82
N TRP B 285 1.34 -29.54 18.09
CA TRP B 285 0.24 -29.87 17.19
C TRP B 285 0.37 -29.33 15.80
N PHE B 286 1.19 -28.30 15.61
CA PHE B 286 1.25 -27.62 14.31
C PHE B 286 1.59 -28.57 13.17
N ALA B 287 2.54 -29.46 13.42
CA ALA B 287 2.94 -30.44 12.40
C ALA B 287 1.75 -31.27 11.96
N ALA B 288 0.88 -31.57 12.93
CA ALA B 288 -0.29 -32.43 12.72
C ALA B 288 -1.20 -31.88 11.64
N LEU B 289 -1.14 -30.56 11.41
CA LEU B 289 -1.91 -29.94 10.33
C LEU B 289 -1.57 -30.44 8.93
N GLY B 290 -0.41 -31.13 8.80
CA GLY B 290 0.02 -31.72 7.53
C GLY B 290 0.43 -30.69 6.46
N LEU B 291 0.78 -29.49 6.89
CA LEU B 291 1.15 -28.45 5.92
C LEU B 291 2.59 -28.58 5.40
N ARG B 292 2.80 -28.10 4.18
CA ARG B 292 4.10 -28.11 3.55
C ARG B 292 4.10 -27.02 2.49
N TRP B 293 5.29 -26.59 2.08
CA TRP B 293 5.40 -25.74 0.89
C TRP B 293 6.62 -26.11 0.13
N TYR B 294 6.67 -25.75 -1.15
CA TYR B 294 7.81 -26.06 -2.01
C TYR B 294 8.90 -25.01 -1.85
N ALA B 295 10.14 -25.42 -2.15
CA ALA B 295 11.30 -24.58 -1.92
C ALA B 295 11.47 -23.49 -2.95
N LEU B 296 11.21 -23.82 -4.22
CA LEU B 296 11.61 -22.97 -5.34
C LEU B 296 10.46 -22.14 -5.94
N PRO B 297 10.51 -20.79 -5.76
CA PRO B 297 9.54 -19.97 -6.43
C PRO B 297 10.02 -19.57 -7.84
N ALA B 298 9.38 -20.11 -8.87
CA ALA B 298 9.77 -19.85 -10.23
C ALA B 298 8.54 -19.43 -11.04
N VAL B 299 8.49 -18.14 -11.37
CA VAL B 299 7.44 -17.57 -12.21
C VAL B 299 7.71 -17.94 -13.69
N SER B 300 6.68 -18.45 -14.38
CA SER B 300 6.84 -19.02 -15.70
C SER B 300 5.83 -18.50 -16.71
N ASN B 301 4.99 -17.54 -16.30
CA ASN B 301 3.99 -16.96 -17.23
C ASN B 301 4.27 -15.53 -17.68
N MET B 302 5.41 -14.97 -17.28
CA MET B 302 5.73 -13.56 -17.66
C MET B 302 6.56 -13.46 -18.93
N LEU B 303 6.46 -12.32 -19.58
CA LEU B 303 7.17 -12.07 -20.84
C LEU B 303 8.36 -11.17 -20.51
N LEU B 304 9.50 -11.49 -21.11
CA LEU B 304 10.71 -10.74 -20.93
C LEU B 304 10.97 -9.94 -22.19
N GLU B 305 10.99 -8.62 -22.06
CA GLU B 305 11.17 -7.77 -23.21
C GLU B 305 12.54 -7.16 -23.10
N ILE B 306 13.37 -7.37 -24.12
CA ILE B 306 14.70 -6.79 -24.17
C ILE B 306 14.86 -6.24 -25.56
N GLY B 307 15.18 -4.96 -25.65
CA GLY B 307 15.50 -4.32 -26.93
C GLY B 307 14.39 -4.36 -27.94
N GLY B 308 13.16 -4.45 -27.42
CA GLY B 308 12.01 -4.57 -28.29
C GLY B 308 11.73 -6.01 -28.65
N LEU B 309 12.66 -6.93 -28.37
CA LEU B 309 12.41 -8.35 -28.60
C LEU B 309 11.62 -8.91 -27.43
N GLU B 310 10.83 -9.96 -27.69
CA GLU B 310 9.95 -10.49 -26.66
C GLU B 310 10.12 -11.98 -26.46
N PHE B 311 10.35 -12.37 -25.21
CA PHE B 311 10.56 -13.75 -24.83
C PHE B 311 9.35 -14.18 -23.99
N SER B 312 8.40 -14.82 -24.66
CA SER B 312 7.13 -15.26 -24.10
C SER B 312 7.26 -16.39 -23.09
N ALA B 313 8.42 -17.07 -23.11
CA ALA B 313 8.75 -18.10 -22.13
C ALA B 313 10.19 -17.92 -21.63
N ALA B 314 10.30 -17.52 -20.37
CA ALA B 314 11.57 -17.18 -19.75
C ALA B 314 11.37 -17.29 -18.24
N PRO B 315 11.14 -18.51 -17.74
CA PRO B 315 10.83 -18.67 -16.33
C PRO B 315 12.05 -18.24 -15.50
N PHE B 316 11.79 -17.63 -14.35
CA PHE B 316 12.86 -17.11 -13.50
C PHE B 316 12.52 -17.52 -12.08
N SER B 317 13.56 -17.72 -11.26
CA SER B 317 13.37 -18.10 -9.87
C SER B 317 14.41 -17.46 -8.95
N GLY B 318 14.03 -17.28 -7.68
CA GLY B 318 14.98 -16.81 -6.67
C GLY B 318 14.76 -17.67 -5.46
N TRP B 319 14.37 -17.03 -4.36
CA TRP B 319 13.94 -17.77 -3.19
C TRP B 319 12.81 -16.98 -2.56
N TYR B 320 12.11 -17.61 -1.63
CA TYR B 320 10.92 -17.04 -1.01
C TYR B 320 11.22 -16.03 0.09
N MET B 321 10.36 -15.06 0.20
CA MET B 321 10.30 -14.25 1.40
C MET B 321 9.18 -14.92 2.19
N SER B 322 9.42 -15.18 3.46
CA SER B 322 8.53 -16.06 4.22
C SER B 322 7.04 -15.67 4.22
N THR B 323 6.76 -14.36 4.12
CA THR B 323 5.40 -13.84 4.13
C THR B 323 4.59 -14.26 2.91
N GLU B 324 5.27 -14.53 1.79
CA GLU B 324 4.59 -15.09 0.60
C GLU B 324 3.89 -16.40 0.94
N ILE B 325 4.56 -17.20 1.75
CA ILE B 325 4.06 -18.51 2.10
C ILE B 325 3.18 -18.39 3.34
N GLY B 326 3.80 -17.93 4.43
CA GLY B 326 3.16 -17.89 5.73
C GLY B 326 1.93 -17.02 5.79
N THR B 327 1.97 -15.88 5.10
CA THR B 327 0.87 -14.95 5.13
C THR B 327 -0.08 -15.17 3.92
N ARG B 328 0.40 -15.05 2.70
CA ARG B 328 -0.49 -15.07 1.54
C ARG B 328 -0.97 -16.48 1.16
N ASN B 329 -0.02 -17.34 0.85
CA ASN B 329 -0.34 -18.67 0.35
C ASN B 329 -1.14 -19.47 1.36
N LEU B 330 -0.81 -19.36 2.64
CA LEU B 330 -1.51 -20.12 3.68
C LEU B 330 -2.72 -19.42 4.33
N CYS B 331 -2.69 -18.09 4.42
CA CYS B 331 -3.75 -17.38 5.13
C CYS B 331 -4.73 -16.57 4.29
N ASP B 332 -4.43 -16.36 3.01
CA ASP B 332 -5.42 -15.81 2.10
C ASP B 332 -6.73 -16.62 2.20
N PRO B 333 -7.88 -15.93 2.30
CA PRO B 333 -9.18 -16.62 2.38
C PRO B 333 -9.46 -17.39 1.10
N HIS B 334 -8.93 -16.88 -0.02
CA HIS B 334 -9.05 -17.55 -1.31
C HIS B 334 -7.88 -18.44 -1.65
N ARG B 335 -6.99 -18.67 -0.69
CA ARG B 335 -5.91 -19.65 -0.88
C ARG B 335 -6.18 -20.83 0.10
N TYR B 336 -5.18 -21.28 0.84
CA TYR B 336 -5.38 -22.39 1.78
C TYR B 336 -6.20 -21.98 3.00
N ASN B 337 -6.29 -20.67 3.27
CA ASN B 337 -7.24 -20.20 4.28
C ASN B 337 -7.20 -20.96 5.65
N ILE B 338 -6.04 -21.08 6.29
CA ILE B 338 -5.88 -21.93 7.50
C ILE B 338 -6.01 -21.19 8.84
N LEU B 339 -6.18 -19.87 8.76
CA LEU B 339 -6.12 -19.01 9.92
C LEU B 339 -7.05 -19.54 10.99
N GLU B 340 -8.29 -19.89 10.64
CA GLU B 340 -9.22 -20.37 11.64
C GLU B 340 -8.73 -21.67 12.30
N ASP B 341 -8.25 -22.60 11.49
CA ASP B 341 -7.76 -23.89 11.99
C ASP B 341 -6.66 -23.65 13.02
N VAL B 342 -5.69 -22.82 12.67
CA VAL B 342 -4.61 -22.50 13.60
C VAL B 342 -5.13 -21.76 14.86
N ALA B 343 -6.02 -20.80 14.67
CA ALA B 343 -6.62 -20.07 15.78
C ALA B 343 -7.27 -21.00 16.80
N VAL B 344 -8.07 -21.96 16.31
CA VAL B 344 -8.73 -22.94 17.16
C VAL B 344 -7.70 -23.78 17.88
N CAS B 345 -6.68 -24.20 17.15
CA CAS B 345 -5.65 -25.02 17.75
CB CAS B 345 -4.71 -25.53 16.66
C CAS B 345 -4.89 -24.24 18.82
O CAS B 345 -4.46 -24.82 19.80
SG CAS B 345 -5.46 -26.60 15.41
AS CAS B 345 -5.02 -28.85 16.58
CE1 CAS B 345 -6.64 -28.75 17.74
CE2 CAS B 345 -4.88 -30.29 15.18
N MET B 346 -4.77 -22.92 18.65
CA MET B 346 -4.13 -22.09 19.67
C MET B 346 -5.10 -21.71 20.78
N ASP B 347 -6.33 -22.24 20.68
CA ASP B 347 -7.41 -21.94 21.60
C ASP B 347 -7.71 -20.44 21.72
N LEU B 348 -7.72 -19.74 20.59
CA LEU B 348 -7.91 -18.29 20.59
C LEU B 348 -9.39 -17.91 20.62
N ASP B 349 -9.72 -16.73 21.13
CA ASP B 349 -11.10 -16.29 21.11
C ASP B 349 -11.49 -15.81 19.73
N THR B 350 -12.09 -16.75 19.01
CA THR B 350 -12.50 -16.63 17.63
C THR B 350 -13.86 -15.93 17.47
N ARG B 351 -14.53 -15.66 18.58
CA ARG B 351 -15.87 -15.10 18.54
C ARG B 351 -15.89 -13.63 18.16
N THR B 352 -14.71 -13.04 17.99
CA THR B 352 -14.60 -11.58 17.96
C THR B 352 -13.26 -11.13 17.39
N THR B 353 -13.28 -10.19 16.45
CA THR B 353 -12.06 -9.71 15.79
C THR B 353 -11.08 -9.03 16.77
N SER B 354 -11.65 -8.36 17.78
CA SER B 354 -10.86 -7.51 18.65
C SER B 354 -9.97 -8.25 19.67
N SER B 355 -10.07 -9.58 19.71
CA SER B 355 -9.04 -10.39 20.36
C SER B 355 -7.79 -10.56 19.46
N LEU B 356 -7.86 -10.14 18.19
CA LEU B 356 -6.68 -10.18 17.33
C LEU B 356 -6.19 -11.60 17.07
N TRP B 357 -7.14 -12.53 17.11
CA TRP B 357 -6.87 -13.95 16.87
C TRP B 357 -6.27 -14.20 15.53
N LYS B 358 -6.75 -13.47 14.53
CA LYS B 358 -6.18 -13.54 13.18
C LYS B 358 -4.72 -13.15 13.14
N ASP B 359 -4.42 -12.04 13.82
CA ASP B 359 -3.06 -11.47 13.86
C ASP B 359 -2.11 -12.42 14.56
N LYS B 360 -2.58 -12.98 15.65
CA LYS B 360 -1.78 -13.93 16.45
C LYS B 360 -1.55 -15.23 15.71
N ALA B 361 -2.58 -15.78 15.09
CA ALA B 361 -2.37 -17.00 14.31
C ALA B 361 -1.44 -16.74 13.12
N ALA B 362 -1.59 -15.60 12.47
CA ALA B 362 -0.74 -15.32 11.28
C ALA B 362 0.74 -15.27 11.66
N VAL B 363 1.04 -14.60 12.76
CA VAL B 363 2.42 -14.56 13.30
C VAL B 363 3.01 -15.97 13.53
N GLU B 364 2.24 -16.85 14.18
CA GLU B 364 2.75 -18.20 14.46
C GLU B 364 2.99 -18.99 13.18
N ILE B 365 2.11 -18.78 12.19
CA ILE B 365 2.21 -19.45 10.88
C ILE B 365 3.45 -19.00 10.14
N ASN B 366 3.71 -17.69 10.11
CA ASN B 366 4.96 -17.18 9.54
C ASN B 366 6.18 -17.70 10.28
N LEU B 367 6.10 -17.75 11.61
CA LEU B 367 7.19 -18.31 12.38
C LEU B 367 7.43 -19.80 11.99
N ALA B 368 6.35 -20.55 11.81
CA ALA B 368 6.53 -21.98 11.46
C ALA B 368 7.23 -22.16 10.10
N VAL B 369 6.93 -21.29 9.15
CA VAL B 369 7.54 -21.32 7.81
C VAL B 369 9.03 -21.04 7.94
N LEU B 370 9.36 -19.99 8.67
CA LEU B 370 10.75 -19.62 8.90
C LEU B 370 11.52 -20.73 9.61
N HIS B 371 10.97 -21.19 10.72
CA HIS B 371 11.52 -22.33 11.46
C HIS B 371 11.73 -23.52 10.58
N SER B 372 10.73 -23.87 9.77
CA SER B 372 10.80 -25.13 9.02
C SER B 372 11.82 -25.06 7.88
N PHE B 373 11.84 -23.93 7.17
CA PHE B 373 12.84 -23.68 6.15
C PHE B 373 14.27 -23.68 6.70
N GLN B 374 14.46 -23.07 7.87
CA GLN B 374 15.77 -23.04 8.51
C GLN B 374 16.19 -24.45 8.90
N LEU B 375 15.27 -25.20 9.53
CA LEU B 375 15.49 -26.60 9.88
C LEU B 375 15.82 -27.45 8.67
N ALA B 376 15.14 -27.22 7.55
CA ALA B 376 15.43 -27.97 6.33
C ALA B 376 16.66 -27.47 5.58
N LYS B 377 17.29 -26.40 6.10
CA LYS B 377 18.43 -25.71 5.42
C LYS B 377 18.05 -25.25 4.02
N VAL B 378 16.84 -24.72 3.89
CA VAL B 378 16.39 -24.20 2.62
C VAL B 378 16.35 -22.68 2.71
N THR B 379 16.98 -22.00 1.75
CA THR B 379 17.05 -20.54 1.73
C THR B 379 15.69 -19.89 1.76
N ILE B 380 15.51 -19.01 2.74
CA ILE B 380 14.36 -18.17 2.84
C ILE B 380 14.82 -16.87 3.46
N VAL B 381 14.09 -15.80 3.24
CA VAL B 381 14.44 -14.54 3.87
C VAL B 381 13.14 -14.05 4.54
N ASP B 382 13.23 -13.57 5.79
CA ASP B 382 12.06 -12.97 6.43
C ASP B 382 11.85 -11.55 5.94
N HIS B 383 10.71 -10.97 6.27
CA HIS B 383 10.31 -9.68 5.66
C HIS B 383 11.02 -8.47 6.23
N HIS B 384 11.52 -8.59 7.47
CA HIS B 384 12.41 -7.57 8.04
C HIS B 384 13.73 -7.55 7.35
N ALA B 385 14.39 -8.69 7.27
CA ALA B 385 15.68 -8.71 6.57
C ALA B 385 15.56 -8.30 5.10
N ALA B 386 14.55 -8.82 4.39
CA ALA B 386 14.33 -8.46 2.98
C ALA B 386 14.13 -6.95 2.75
N THR B 387 13.29 -6.32 3.57
CA THR B 387 13.03 -4.90 3.38
C THR B 387 14.22 -4.02 3.78
N VAL B 388 14.97 -4.46 4.79
CA VAL B 388 16.22 -3.78 5.13
C VAL B 388 17.18 -3.82 3.92
N SER B 389 17.28 -4.96 3.26
CA SER B 389 18.14 -5.07 2.06
C SER B 389 17.65 -4.16 0.92
N PHE B 390 16.34 -4.09 0.75
CA PHE B 390 15.75 -3.25 -0.27
C PHE B 390 16.07 -1.77 -0.05
N MET B 391 15.99 -1.29 1.20
CA MET B 391 16.42 0.09 1.50
C MET B 391 17.87 0.35 1.04
N LYS B 392 18.74 -0.62 1.26
CA LYS B 392 20.12 -0.50 0.82
C LYS B 392 20.16 -0.46 -0.72
N HIS B 393 19.35 -1.29 -1.35
CA HIS B 393 19.20 -1.25 -2.81
C HIS B 393 18.79 0.09 -3.33
N LEU B 394 17.78 0.71 -2.70
CA LEU B 394 17.34 2.03 -3.08
C LEU B 394 18.50 2.99 -3.13
N ASP B 395 19.28 2.98 -2.05
CA ASP B 395 20.43 3.88 -1.92
C ASP B 395 21.48 3.57 -2.99
N ASN B 396 21.80 2.30 -3.16
CA ASN B 396 22.70 1.88 -4.26
C ASN B 396 22.25 2.44 -5.59
N GLU B 397 20.94 2.32 -5.85
CA GLU B 397 20.39 2.68 -7.15
C GLU B 397 20.31 4.20 -7.32
N GLN B 398 20.07 4.91 -6.22
CA GLN B 398 20.07 6.36 -6.27
C GLN B 398 21.45 6.89 -6.74
N LYS B 399 22.51 6.27 -6.24
CA LYS B 399 23.86 6.67 -6.58
C LYS B 399 24.19 6.22 -8.01
N ALA B 400 23.77 4.99 -8.35
CA ALA B 400 24.11 4.37 -9.63
C ALA B 400 23.33 4.98 -10.78
N ARG B 401 22.04 5.21 -10.58
CA ARG B 401 21.12 5.57 -11.67
C ARG B 401 20.28 6.80 -11.44
N GLY B 402 20.30 7.36 -10.22
CA GLY B 402 19.45 8.51 -9.90
C GLY B 402 17.98 8.18 -9.62
N GLY B 403 17.68 6.92 -9.31
CA GLY B 403 16.32 6.54 -8.96
C GLY B 403 16.18 5.03 -8.90
N CYS B 404 14.99 4.55 -8.57
CA CYS B 404 14.66 3.13 -8.65
C CYS B 404 13.11 3.04 -8.67
N PRO B 405 12.53 2.46 -9.75
CA PRO B 405 11.10 2.24 -9.83
C PRO B 405 10.62 1.19 -8.80
N ALA B 406 9.61 1.55 -8.01
CA ALA B 406 9.20 0.65 -6.94
C ALA B 406 7.71 0.84 -6.74
N ASP B 407 6.99 -0.29 -6.59
CA ASP B 407 5.54 -0.30 -6.40
C ASP B 407 5.29 -0.55 -4.92
N TRP B 408 5.03 0.55 -4.23
CA TRP B 408 4.89 0.55 -2.78
C TRP B 408 3.93 -0.49 -2.27
N ALA B 409 2.79 -0.66 -2.93
CA ALA B 409 1.78 -1.62 -2.51
C ALA B 409 2.33 -3.04 -2.50
N TRP B 410 3.25 -3.33 -3.43
CA TRP B 410 3.89 -4.64 -3.53
C TRP B 410 5.11 -4.84 -2.65
N ILE B 411 5.85 -3.78 -2.45
CA ILE B 411 7.09 -3.79 -1.68
C ILE B 411 6.82 -3.95 -0.18
N VAL B 412 5.82 -3.21 0.32
CA VAL B 412 5.46 -3.33 1.72
C VAL B 412 4.80 -4.71 2.00
N PRO B 413 5.30 -5.45 2.98
CA PRO B 413 4.83 -6.82 3.20
C PRO B 413 3.42 -6.93 3.74
N PRO B 414 2.82 -8.13 3.64
CA PRO B 414 1.38 -8.23 3.92
C PRO B 414 1.04 -8.35 5.43
N ILE B 415 2.06 -8.55 6.28
CA ILE B 415 1.92 -8.38 7.74
C ILE B 415 2.98 -7.39 8.17
N SER B 416 2.69 -6.68 9.27
CA SER B 416 3.67 -5.83 9.94
C SER B 416 4.20 -4.71 9.04
N GLY B 417 3.36 -4.26 8.12
CA GLY B 417 3.83 -3.21 7.15
C GLY B 417 4.68 -2.12 7.77
N SER B 418 4.11 -1.36 8.70
CA SER B 418 4.81 -0.20 9.28
C SER B 418 5.96 -0.57 10.21
N LEU B 419 6.08 -1.84 10.56
CA LEU B 419 7.23 -2.34 11.31
C LEU B 419 8.48 -2.50 10.42
N THR B 420 8.34 -2.40 9.10
CA THR B 420 9.48 -2.45 8.16
C THR B 420 9.81 -1.04 7.63
N PRO B 421 11.08 -0.76 7.23
CA PRO B 421 11.44 0.61 6.81
C PRO B 421 10.77 1.04 5.54
N VAL B 422 10.43 0.08 4.66
CA VAL B 422 9.85 0.43 3.35
C VAL B 422 8.51 1.11 3.42
N PHE B 423 7.78 0.89 4.50
CA PHE B 423 6.47 1.53 4.74
C PHE B 423 6.65 3.05 4.77
N HIS B 424 7.77 3.49 5.31
CA HIS B 424 8.01 4.90 5.61
C HIS B 424 8.72 5.59 4.48
N GLN B 425 8.90 4.87 3.38
CA GLN B 425 9.68 5.35 2.23
C GLN B 425 8.75 5.64 1.06
N GLU B 426 8.74 6.88 0.60
CA GLU B 426 7.99 7.19 -0.60
C GLU B 426 8.68 6.53 -1.80
N MET B 427 7.89 6.20 -2.81
CA MET B 427 8.41 5.52 -3.97
C MET B 427 7.75 6.03 -5.25
N VAL B 428 8.51 5.95 -6.34
CA VAL B 428 8.02 6.35 -7.65
C VAL B 428 7.89 5.07 -8.45
N ASN B 429 6.77 4.90 -9.14
CA ASN B 429 6.58 3.70 -9.93
C ASN B 429 6.54 4.04 -11.39
N TYR B 430 7.32 3.34 -12.20
CA TYR B 430 7.33 3.64 -13.64
C TYR B 430 7.99 2.51 -14.36
N ILE B 431 7.78 2.44 -15.67
CA ILE B 431 8.23 1.29 -16.45
C ILE B 431 9.52 1.61 -17.17
N LEU B 432 10.57 0.85 -16.85
CA LEU B 432 11.80 0.90 -17.64
C LEU B 432 11.88 -0.35 -18.46
N SER B 433 12.67 -0.28 -19.52
CA SER B 433 12.94 -1.45 -20.32
C SER B 433 14.43 -1.72 -20.30
N PRO B 434 14.86 -2.98 -20.24
CA PRO B 434 14.21 -4.29 -20.26
C PRO B 434 13.19 -4.46 -19.14
N ALA B 435 12.13 -5.19 -19.43
CA ALA B 435 11.07 -5.42 -18.45
C ALA B 435 10.55 -6.85 -18.44
N PHE B 436 10.08 -7.28 -17.27
CA PHE B 436 9.18 -8.41 -17.20
C PHE B 436 7.75 -7.86 -17.27
N ARG B 437 6.92 -8.45 -18.14
CA ARG B 437 5.55 -8.05 -18.34
C ARG B 437 4.62 -9.23 -18.15
N TYR B 438 3.38 -8.92 -17.79
CA TYR B 438 2.31 -9.88 -17.91
C TYR B 438 1.94 -10.05 -19.38
N GLN B 439 1.39 -11.22 -19.72
CA GLN B 439 0.91 -11.50 -21.07
C GLN B 439 -0.38 -12.32 -21.03
N PRO B 440 -1.11 -12.40 -22.15
CA PRO B 440 -2.35 -13.18 -22.12
C PRO B 440 -2.07 -14.66 -21.82
N ASP B 441 -3.04 -15.36 -21.22
CA ASP B 441 -2.93 -16.82 -21.04
C ASP B 441 -3.10 -17.53 -22.37
N PRO B 442 -2.26 -18.55 -22.65
CA PRO B 442 -2.24 -19.12 -24.02
C PRO B 442 -3.56 -19.75 -24.49
N TRP B 443 -4.45 -20.14 -23.59
CA TRP B 443 -5.72 -20.79 -23.98
C TRP B 443 -6.86 -19.81 -24.11
CHA HEM C . -7.75 9.69 8.33
CHB HEM C . -10.51 6.41 10.86
CHC HEM C . -13.85 9.81 11.58
CHD HEM C . -11.65 12.47 7.98
C1A HEM C . -8.18 8.54 9.12
C2A HEM C . -7.26 7.43 9.45
C3A HEM C . -8.05 6.44 10.18
C4A HEM C . -9.39 7.06 10.26
CMA HEM C . -7.57 5.11 10.72
CAA HEM C . -5.79 7.34 9.08
CBA HEM C . -5.01 8.11 10.16
CGA HEM C . -3.50 7.91 10.17
O1A HEM C . -2.97 6.98 9.53
O2A HEM C . -2.80 8.73 10.83
C1B HEM C . -11.66 7.11 11.31
C2B HEM C . -12.51 6.48 12.36
C3B HEM C . -13.49 7.52 12.54
C4B HEM C . -13.11 8.57 11.58
CMB HEM C . -12.34 5.15 13.03
CAB HEM C . -14.65 7.54 13.49
CBB HEM C . -15.83 7.90 13.03
C1C HEM C . -13.50 10.91 10.72
C2C HEM C . -14.23 12.20 10.72
C3C HEM C . -13.57 12.97 9.64
C4C HEM C . -12.49 12.14 9.10
CMC HEM C . -15.38 12.59 11.61
CAC HEM C . -13.91 14.35 9.20
CBC HEM C . -15.14 14.84 9.42
C1D HEM C . -10.31 11.96 7.80
C2D HEM C . -9.34 12.76 7.01
C3D HEM C . -8.14 11.92 7.10
C4D HEM C . -8.65 10.75 7.90
CMD HEM C . -9.58 14.09 6.35
CAD HEM C . -6.77 12.15 6.59
CBD HEM C . -5.99 12.91 7.68
CGD HEM C . -4.64 13.33 7.16
O1D HEM C . -3.86 13.84 7.98
O2D HEM C . -4.36 13.13 5.94
NA HEM C . -9.48 8.41 9.71
NB HEM C . -11.97 8.33 10.85
NC HEM C . -12.40 10.87 9.80
ND HEM C . -9.90 10.83 8.34
FE HEM C . -11.11 9.48 9.32
N1 H2B D . -1.33 4.98 5.92
C2 H2B D . -1.94 5.63 6.94
N2 H2B D . -3.21 5.32 7.28
N3 H2B D . -1.31 6.58 7.65
C4 H2B D . -0.03 6.94 7.35
O4 H2B D . 0.53 7.82 8.03
C4A H2B D . 0.62 6.31 6.28
C8A H2B D . -0.07 5.32 5.59
N5 H2B D . 1.90 6.60 5.92
N8 H2B D . 0.54 4.67 4.56
C6 H2B D . 2.27 6.38 4.51
C7 H2B D . 1.91 4.93 4.11
C9 H2B D . 3.75 6.68 4.24
O9 H2B D . 4.55 5.92 5.16
C10 H2B D . 4.14 6.32 2.80
C11 H2B D . 5.56 6.76 2.40
O10 H2B D . 3.15 6.90 1.95
N02 HW9 E . -3.34 16.71 8.70
C02 HW9 E . -2.15 16.56 8.09
C03 HW9 E . -1.38 17.67 7.70
C04 HW9 E . -0.15 17.41 7.05
C05 HW9 E . 0.27 16.09 6.83
C07 HW9 E . 0.74 18.55 6.62
N01 HW9 E . -1.72 15.30 7.84
C06 HW9 E . -0.55 15.03 7.24
C08 HW9 E . -0.14 13.57 7.03
C4' HW9 E . 0.72 13.12 8.22
C3' HW9 E . 0.11 13.21 9.61
C2' HW9 E . 1.00 12.32 10.46
N1' HW9 E . 1.25 11.23 9.53
C5' HW9 E . 1.10 11.63 8.13
O09 HW9 E . -1.23 12.63 9.62
C10 HW9 E . -1.96 12.88 10.85
C11 HW9 E . -3.29 12.18 10.77
C12 HW9 E . -3.97 12.05 12.15
C13 HW9 E . -5.39 11.55 12.01
C14 HW9 E . -5.95 11.08 13.37
C26 HW9 E . -7.39 10.61 13.28
N21 HW9 E . -7.67 9.28 13.44
C22 HW9 E . -8.93 8.83 13.40
C23 HW9 E . -10.01 9.68 13.19
C24 HW9 E . -9.78 11.05 13.01
C25 HW9 E . -8.45 11.52 13.05
C27 HW9 E . -10.95 11.98 12.73
C ACT F . -15.95 2.47 12.27
O ACT F . -16.14 1.44 11.57
OXT ACT F . -15.96 2.45 13.53
CH3 ACT F . -15.69 3.78 11.59
C ACT G . 0.29 11.30 15.22
O ACT G . -0.30 10.89 16.25
OXT ACT G . 1.08 12.28 15.23
CH3 ACT G . 0.01 10.57 13.92
CHA HEM H . 8.02 -10.33 -7.23
CHB HEM H . 11.36 -11.30 -3.59
CHC HEM H . 14.41 -12.95 -7.00
CHD HEM H . 11.63 -10.61 -10.44
C1A HEM H . 8.64 -10.60 -5.95
C2A HEM H . 7.85 -10.53 -4.71
C3A HEM H . 8.80 -10.83 -3.63
C4A HEM H . 10.11 -11.03 -4.31
CMA HEM H . 8.53 -10.90 -2.14
CAA HEM H . 6.36 -10.27 -4.64
CBA HEM H . 5.81 -11.69 -4.81
CGA HEM H . 4.34 -11.85 -4.47
O1A HEM H . 3.78 -10.97 -3.78
O2A HEM H . 3.77 -12.89 -4.87
C1B HEM H . 12.50 -11.94 -4.21
C2B HEM H . 13.51 -12.66 -3.43
C3B HEM H . 14.42 -13.13 -4.46
C4B HEM H . 13.83 -12.60 -5.70
CMB HEM H . 13.57 -12.83 -1.95
CAB HEM H . 15.67 -13.94 -4.33
CBB HEM H . 16.78 -13.51 -4.92
C1C HEM H . 13.89 -12.54 -8.29
C2C HEM H . 14.55 -12.89 -9.60
C3C HEM H . 13.70 -12.18 -10.58
C4C HEM H . 12.63 -11.48 -9.85
CMC HEM H . 15.74 -13.76 -9.86
CAC HEM H . 13.90 -12.20 -12.05
CBC HEM H . 15.05 -12.61 -12.57
C1D HEM H . 10.33 -10.38 -9.82
C2D HEM H . 9.19 -10.01 -10.70
C3D HEM H . 8.11 -9.92 -9.73
C4D HEM H . 8.79 -10.25 -8.46
CMD HEM H . 9.18 -9.80 -12.18
CAD HEM H . 6.65 -9.62 -9.96
CBD HEM H . 5.97 -10.95 -10.12
CGD HEM H . 4.54 -10.75 -10.55
O1D HEM H . 3.79 -11.76 -10.53
O2D HEM H . 4.16 -9.60 -10.85
NA HEM H . 10.01 -10.99 -5.75
NB HEM H . 12.65 -11.92 -5.55
NC HEM H . 12.69 -11.76 -8.44
ND HEM H . 10.10 -10.56 -8.51
FE HEM H . 11.54 -10.95 -7.03
N1 H2B I . 1.90 -7.10 -2.71
C2 H2B I . 2.55 -8.21 -3.08
N2 H2B I . 3.85 -8.37 -2.78
N3 H2B I . 1.91 -9.20 -3.75
C4 H2B I . 0.60 -9.09 -4.02
O4 H2B I . 0.06 -9.99 -4.63
C4A H2B I . -0.12 -7.95 -3.68
C8A H2B I . 0.58 -6.94 -3.00
N5 H2B I . -1.45 -7.79 -3.98
N8 H2B I . -0.09 -5.82 -2.59
C6 H2B I . -1.88 -6.40 -4.16
C7 H2B I . -1.50 -5.62 -2.89
C9 H2B I . -3.38 -6.29 -4.45
O9 H2B I . -4.10 -6.96 -3.44
C10 H2B I . -3.87 -4.84 -4.44
C11 H2B I . -5.37 -4.84 -4.80
O10 H2B I . -3.14 -4.15 -5.44
N02 HW9 J . 3.07 -13.30 -13.03
C02 HW9 J . 1.82 -12.78 -12.90
C03 HW9 J . 0.86 -12.86 -13.92
C04 HW9 J . -0.40 -12.27 -13.72
C05 HW9 J . -0.69 -11.63 -12.51
C07 HW9 J . -1.44 -12.37 -14.82
N01 HW9 J . 1.49 -12.16 -11.75
C06 HW9 J . 0.30 -11.57 -11.53
C08 HW9 J . 0.06 -10.94 -10.16
C4' HW9 J . -0.62 -12.02 -9.29
C3' HW9 J . 0.08 -13.38 -9.12
C2' HW9 J . -0.68 -14.01 -7.95
N1' HW9 J . -0.93 -12.85 -7.11
C5' HW9 J . -0.86 -11.58 -7.84
O09 HW9 J . 1.43 -13.15 -8.69
C10 HW9 J . 2.35 -14.26 -8.66
C11 HW9 J . 3.69 -13.86 -8.04
C12 HW9 J . 4.50 -15.06 -7.56
C13 HW9 J . 5.93 -14.63 -7.23
C14 HW9 J . 6.75 -15.84 -6.73
C26 HW9 J . 8.18 -15.41 -6.46
N21 HW9 J . 8.54 -15.04 -5.19
C22 HW9 J . 9.79 -14.65 -4.89
C23 HW9 J . 10.77 -14.63 -5.88
C24 HW9 J . 10.44 -15.00 -7.19
C25 HW9 J . 9.14 -15.39 -7.49
C27 HW9 J . 11.52 -14.96 -8.25
C ACT K . 17.28 -11.13 -0.05
O ACT K . 17.22 -12.30 0.42
OXT ACT K . 17.68 -10.18 0.64
CH3 ACT K . 16.85 -10.85 -1.46
C ACT L . 0.67 -18.07 -5.37
O ACT L . 1.33 -18.93 -4.75
OXT ACT L . -0.30 -18.39 -6.10
CH3 ACT L . 1.01 -16.61 -5.27
ZN ZN M . -0.68 6.67 -9.34
#